data_1X13
#
_entry.id   1X13
#
_cell.length_a   38.763
_cell.length_b   66.902
_cell.length_c   76.300
_cell.angle_alpha   67.11
_cell.angle_beta   80.66
_cell.angle_gamma   81.23
#
_symmetry.space_group_name_H-M   'P 1'
#
loop_
_entity.id
_entity.type
_entity.pdbx_description
1 polymer 'NAD(P) transhydrogenase subunit alpha'
2 water water
#
_entity_poly.entity_id   1
_entity_poly.type   'polypeptide(L)'
_entity_poly.pdbx_seq_one_letter_code
;MHHHHHHGRIGIPRERLTNETRVAATPKTVEQLLKLGFTVAVESGAGQLASFDDKAFVQAGAEIVEGNSVWQSEIILKVN
APLDDEIALLNPGTTLVSFIWPAQNPELMQKLAERNVTVMAMDSVPRISRAQSLDALSSMANIAGYRAIVEAAHEFGRFF
TGQITAAGKVPPAKVMVIGAGVAGLAAIGAANSLGAIVRAFDTRPEVKEQVQSMGAEFLELDFKEEAGSGDGYAKVMSDA
FIKAEMELFAAQAKEVDIIVTTALIPGKPAPKLITREMVDSMKAGSVIVDLAAQNGGNCEYTVPGEIFTTENGVKVIGYT
DLPGRLPTQSSQLYGTNLVNLLKLLCKEKDGNITVDFDDVVIRGVTVIRAGEITWPAPPIQVSAQPQAAQKAAPEVKTEE
K
;
_entity_poly.pdbx_strand_id   A,B
#
# COMPACT_ATOMS: atom_id res chain seq x y z
N GLY A 8 27.03 22.19 26.02
CA GLY A 8 26.24 20.91 25.83
C GLY A 8 25.36 20.97 24.56
N ARG A 9 26.00 21.05 23.40
CA ARG A 9 25.27 21.19 22.13
C ARG A 9 25.17 19.84 21.42
N ILE A 10 23.96 19.50 20.99
CA ILE A 10 23.71 18.32 20.19
C ILE A 10 23.60 18.74 18.73
N GLY A 11 24.27 18.02 17.86
CA GLY A 11 24.25 18.27 16.44
C GLY A 11 23.52 17.13 15.76
N ILE A 12 22.60 17.47 14.86
CA ILE A 12 21.90 16.52 14.01
C ILE A 12 22.33 16.74 12.56
N PRO A 13 23.27 15.94 12.05
CA PRO A 13 23.64 16.04 10.63
C PRO A 13 22.57 15.49 9.67
N ARG A 14 22.52 16.04 8.46
CA ARG A 14 21.86 15.35 7.37
C ARG A 14 22.53 13.99 7.06
N GLU A 15 21.72 12.96 6.89
CA GLU A 15 22.22 11.60 6.59
C GLU A 15 22.68 11.58 5.15
N ARG A 16 23.93 11.16 4.95
CA ARG A 16 24.58 11.25 3.65
C ARG A 16 24.76 9.92 2.94
N LEU A 17 24.48 8.79 3.61
CA LEU A 17 24.40 7.49 2.94
C LEU A 17 23.36 7.61 1.84
N THR A 18 23.71 7.23 0.61
CA THR A 18 22.80 7.47 -0.51
C THR A 18 21.42 6.89 -0.23
N ASN A 19 20.40 7.65 -0.62
CA ASN A 19 18.98 7.26 -0.50
C ASN A 19 18.41 7.20 0.93
N GLU A 20 19.21 7.53 1.94
CA GLU A 20 18.70 7.58 3.32
C GLU A 20 17.73 8.74 3.46
N THR A 21 16.55 8.49 4.00
CA THR A 21 15.49 9.50 4.15
C THR A 21 15.23 9.88 5.60
N ARG A 22 15.74 9.09 6.54
CA ARG A 22 15.53 9.33 7.96
C ARG A 22 16.46 10.40 8.52
N VAL A 23 16.09 10.88 9.70
CA VAL A 23 16.82 11.90 10.43
C VAL A 23 16.77 11.52 11.90
N ALA A 24 17.78 11.90 12.65
CA ALA A 24 17.97 11.44 14.02
C ALA A 24 17.14 12.22 15.06
N ALA A 25 16.49 13.29 14.62
CA ALA A 25 15.63 14.09 15.48
C ALA A 25 14.58 14.75 14.62
N THR A 26 13.40 14.88 15.21
CA THR A 26 12.27 15.61 14.68
C THR A 26 12.03 16.86 15.53
N PRO A 27 11.21 17.78 15.08
CA PRO A 27 10.81 18.93 15.90
C PRO A 27 10.31 18.50 17.28
N LYS A 28 9.48 17.47 17.34
CA LYS A 28 9.01 16.95 18.63
C LYS A 28 10.14 16.45 19.53
N THR A 29 11.13 15.72 18.99
CA THR A 29 12.23 15.23 19.84
C THR A 29 13.20 16.33 20.25
N VAL A 30 13.34 17.33 19.39
CA VAL A 30 14.13 18.52 19.72
C VAL A 30 13.58 19.23 20.96
N GLU A 31 12.27 19.37 21.07
CA GLU A 31 11.67 19.96 22.27
C GLU A 31 12.10 19.20 23.50
N GLN A 32 12.01 17.87 23.42
CA GLN A 32 12.42 17.02 24.54
C GLN A 32 13.90 17.14 24.86
N LEU A 33 14.74 17.32 23.85
CA LEU A 33 16.19 17.44 24.05
C LEU A 33 16.51 18.74 24.79
N LEU A 34 15.77 19.80 24.47
CA LEU A 34 15.95 21.07 25.17
C LEU A 34 15.54 20.97 26.64
N LYS A 35 14.52 20.16 26.95
CA LYS A 35 14.07 20.02 28.33
C LYS A 35 15.14 19.29 29.17
N LEU A 36 16.03 18.56 28.50
CA LEU A 36 17.16 17.94 29.16
C LEU A 36 18.37 18.88 29.26
N GLY A 37 18.20 20.17 28.98
CA GLY A 37 19.28 21.14 29.15
C GLY A 37 20.29 21.26 28.02
N PHE A 38 20.07 20.55 26.92
CA PHE A 38 20.97 20.70 25.77
C PHE A 38 20.51 21.83 24.86
N THR A 39 21.41 22.38 24.06
CA THR A 39 21.00 23.15 22.90
C THR A 39 21.11 22.23 21.70
N VAL A 40 20.47 22.59 20.59
CA VAL A 40 20.44 21.71 19.41
C VAL A 40 20.72 22.48 18.13
N ALA A 41 21.66 21.99 17.31
CA ALA A 41 21.82 22.49 15.95
C ALA A 41 21.45 21.37 14.98
N VAL A 42 20.61 21.70 14.00
CA VAL A 42 20.28 20.79 12.92
C VAL A 42 20.86 21.32 11.61
N GLU A 43 21.57 20.46 10.89
CA GLU A 43 22.08 20.80 9.56
C GLU A 43 20.91 21.06 8.61
N SER A 44 20.92 22.19 7.92
CA SER A 44 19.92 22.50 6.91
C SER A 44 19.62 21.31 6.00
N GLY A 45 18.34 21.00 5.82
CA GLY A 45 17.95 19.95 4.90
C GLY A 45 17.88 18.55 5.55
N ALA A 46 18.34 18.43 6.80
CA ALA A 46 18.50 17.11 7.42
C ALA A 46 17.19 16.31 7.49
N GLY A 47 16.08 17.00 7.71
CA GLY A 47 14.80 16.33 7.93
C GLY A 47 13.92 16.38 6.72
N GLN A 48 14.45 16.89 5.60
CA GLN A 48 13.62 17.23 4.46
C GLN A 48 12.88 16.04 3.89
N LEU A 49 13.62 14.97 3.67
CA LEU A 49 13.07 13.75 3.09
C LEU A 49 12.12 13.03 4.05
N ALA A 50 12.17 13.40 5.34
CA ALA A 50 11.25 12.88 6.35
C ALA A 50 10.09 13.86 6.66
N SER A 51 9.98 14.88 5.81
CA SER A 51 8.93 15.91 5.85
C SER A 51 9.08 16.95 6.95
N PHE A 52 10.28 17.13 7.47
CA PHE A 52 10.51 18.16 8.46
C PHE A 52 11.43 19.23 7.88
N ASP A 53 10.83 20.39 7.56
CA ASP A 53 11.50 21.57 7.00
C ASP A 53 12.42 22.20 8.03
N ASP A 54 13.38 22.99 7.58
CA ASP A 54 14.23 23.78 8.49
C ASP A 54 13.40 24.58 9.46
N LYS A 55 12.37 25.28 8.98
CA LYS A 55 11.62 26.14 9.88
C LYS A 55 10.83 25.33 10.90
N ALA A 56 10.44 24.09 10.60
CA ALA A 56 9.79 23.27 11.65
C ALA A 56 10.75 22.95 12.80
N PHE A 57 12.04 22.81 12.48
CA PHE A 57 13.05 22.66 13.51
C PHE A 57 13.27 23.95 14.30
N VAL A 58 13.28 25.09 13.61
CA VAL A 58 13.45 26.38 14.30
C VAL A 58 12.27 26.61 15.25
N GLN A 59 11.06 26.22 14.86
CA GLN A 59 9.87 26.39 15.72
C GLN A 59 10.03 25.59 17.00
N ALA A 60 10.66 24.43 16.88
CA ALA A 60 10.91 23.57 18.03
C ALA A 60 12.02 24.06 18.96
N GLY A 61 12.83 25.02 18.50
CA GLY A 61 13.88 25.63 19.31
C GLY A 61 15.30 25.25 18.93
N ALA A 62 15.48 24.63 17.78
CA ALA A 62 16.80 24.30 17.27
C ALA A 62 17.35 25.45 16.45
N GLU A 63 18.67 25.52 16.38
CA GLU A 63 19.40 26.41 15.49
C GLU A 63 19.69 25.65 14.21
N ILE A 64 19.55 26.31 13.06
CA ILE A 64 19.90 25.73 11.77
C ILE A 64 21.30 26.18 11.36
N VAL A 65 22.14 25.21 11.02
CA VAL A 65 23.52 25.48 10.59
C VAL A 65 23.78 24.82 9.24
N GLU A 66 24.72 25.35 8.48
CA GLU A 66 25.03 24.82 7.16
C GLU A 66 26.38 24.13 7.18
N GLY A 67 26.60 23.26 6.21
CA GLY A 67 27.89 22.67 6.00
C GLY A 67 28.26 21.78 7.16
N ASN A 68 29.56 21.69 7.41
CA ASN A 68 30.07 20.78 8.42
C ASN A 68 30.10 21.35 9.85
N SER A 69 29.56 22.55 10.06
CA SER A 69 29.55 23.13 11.41
C SER A 69 28.68 22.35 12.43
N VAL A 70 27.76 21.50 11.96
CA VAL A 70 26.97 20.66 12.87
C VAL A 70 27.88 19.71 13.64
N TRP A 71 28.99 19.33 13.02
CA TRP A 71 29.99 18.45 13.66
C TRP A 71 30.85 19.11 14.74
N GLN A 72 30.73 20.43 14.92
CA GLN A 72 31.32 21.14 16.06
C GLN A 72 30.37 21.10 17.25
N SER A 73 30.03 19.89 17.66
CA SER A 73 29.06 19.72 18.74
C SER A 73 29.61 18.73 19.73
N GLU A 74 29.21 18.86 21.00
CA GLU A 74 29.65 17.92 22.02
C GLU A 74 29.04 16.52 21.76
N ILE A 75 27.84 16.51 21.18
CA ILE A 75 27.07 15.29 20.92
C ILE A 75 26.56 15.30 19.50
N ILE A 76 26.73 14.18 18.80
CA ILE A 76 26.23 14.00 17.45
C ILE A 76 25.22 12.85 17.46
N LEU A 77 23.99 13.10 17.04
CA LEU A 77 22.98 12.05 16.91
C LEU A 77 22.79 11.82 15.43
N LYS A 78 22.97 10.56 15.02
CA LYS A 78 22.76 10.13 13.65
C LYS A 78 22.00 8.81 13.55
N VAL A 79 21.54 8.51 12.36
CA VAL A 79 20.96 7.20 12.06
C VAL A 79 22.08 6.23 11.67
N ASN A 80 22.73 6.49 10.53
CA ASN A 80 23.83 5.62 10.06
C ASN A 80 25.16 6.13 10.51
N ALA A 81 26.13 5.22 10.52
CA ALA A 81 27.44 5.50 11.00
C ALA A 81 28.08 6.46 10.04
N PRO A 82 28.98 7.31 10.56
CA PRO A 82 29.72 8.26 9.73
C PRO A 82 30.40 7.51 8.57
N LEU A 83 30.27 8.08 7.38
CA LEU A 83 31.00 7.59 6.22
C LEU A 83 32.47 7.90 6.45
N ASP A 84 33.35 7.32 5.62
CA ASP A 84 34.78 7.58 5.74
C ASP A 84 35.07 9.08 5.79
N ASP A 85 34.47 9.84 4.88
CA ASP A 85 34.72 11.30 4.83
C ASP A 85 34.02 12.14 5.92
N GLU A 86 33.25 11.49 6.81
CA GLU A 86 32.68 12.16 7.98
C GLU A 86 33.46 11.86 9.26
N ILE A 87 34.26 10.80 9.24
CA ILE A 87 34.99 10.38 10.45
C ILE A 87 36.00 11.45 10.88
N ALA A 88 36.62 12.10 9.89
CA ALA A 88 37.59 13.18 10.12
C ALA A 88 37.00 14.42 10.78
N LEU A 89 35.69 14.62 10.64
CA LEU A 89 35.01 15.78 11.23
C LEU A 89 34.63 15.58 12.69
N LEU A 90 34.69 14.35 13.20
CA LEU A 90 34.49 14.12 14.62
C LEU A 90 35.66 14.69 15.40
N ASN A 91 35.38 15.59 16.33
CA ASN A 91 36.43 16.13 17.20
C ASN A 91 36.57 15.30 18.47
N PRO A 92 37.78 15.20 19.00
CA PRO A 92 38.03 14.58 20.32
C PRO A 92 37.08 15.03 21.43
N GLY A 93 36.59 14.08 22.23
CA GLY A 93 35.67 14.37 23.32
C GLY A 93 34.19 14.41 22.91
N THR A 94 33.92 14.23 21.62
CA THR A 94 32.56 14.21 21.11
C THR A 94 31.97 12.84 21.41
N THR A 95 30.69 12.84 21.77
CA THR A 95 29.92 11.62 21.93
C THR A 95 29.05 11.43 20.66
N LEU A 96 29.34 10.40 19.86
CA LEU A 96 28.50 10.03 18.72
C LEU A 96 27.49 8.93 19.10
N VAL A 97 26.22 9.12 18.76
CA VAL A 97 25.18 8.11 18.95
C VAL A 97 24.59 7.78 17.58
N SER A 98 24.75 6.53 17.13
CA SER A 98 24.22 6.07 15.84
C SER A 98 24.21 4.55 15.77
N PHE A 99 23.60 3.99 14.73
CA PHE A 99 23.86 2.60 14.39
C PHE A 99 25.34 2.45 14.00
N ILE A 100 25.93 1.31 14.40
CA ILE A 100 27.37 1.05 14.21
C ILE A 100 27.63 -0.36 13.70
N TRP A 101 27.09 -1.35 14.39
CA TRP A 101 27.28 -2.77 14.04
C TRP A 101 28.76 -3.15 14.17
N PRO A 102 29.30 -3.04 15.38
CA PRO A 102 30.73 -3.22 15.63
C PRO A 102 31.24 -4.61 15.21
N ALA A 103 30.53 -5.67 15.60
CA ALA A 103 30.88 -7.05 15.23
C ALA A 103 31.10 -7.22 13.73
N GLN A 104 30.28 -6.56 12.91
CA GLN A 104 30.41 -6.66 11.45
C GLN A 104 31.31 -5.58 10.83
N ASN A 105 31.80 -4.62 11.61
CA ASN A 105 32.63 -3.53 11.09
C ASN A 105 33.88 -3.19 11.91
N PRO A 106 34.86 -4.10 11.95
CA PRO A 106 36.14 -3.85 12.66
C PRO A 106 36.92 -2.60 12.20
N GLU A 107 36.86 -2.30 10.91
CA GLU A 107 37.62 -1.19 10.34
C GLU A 107 36.99 0.16 10.74
N LEU A 108 35.67 0.25 10.71
CA LEU A 108 34.94 1.42 11.21
C LEU A 108 35.29 1.72 12.68
N MET A 109 35.29 0.68 13.51
CA MET A 109 35.67 0.83 14.92
C MET A 109 37.05 1.44 15.12
N GLN A 110 38.05 0.91 14.39
CA GLN A 110 39.41 1.42 14.48
C GLN A 110 39.47 2.89 14.07
N LYS A 111 38.77 3.25 12.99
CA LYS A 111 38.77 4.63 12.51
C LYS A 111 38.16 5.61 13.54
N LEU A 112 37.02 5.23 14.13
CA LEU A 112 36.36 6.05 15.16
C LEU A 112 37.19 6.14 16.45
N ALA A 113 37.88 5.06 16.78
CA ALA A 113 38.72 5.03 17.99
C ALA A 113 39.87 6.07 17.93
N GLU A 114 40.55 6.13 16.77
CA GLU A 114 41.61 7.12 16.51
C GLU A 114 41.16 8.58 16.65
N ARG A 115 39.87 8.84 16.44
CA ARG A 115 39.32 10.19 16.63
C ARG A 115 39.17 10.60 18.09
N ASN A 116 39.23 9.63 19.01
CA ASN A 116 39.20 9.89 20.45
C ASN A 116 37.81 10.37 20.95
N VAL A 117 36.78 9.73 20.40
CA VAL A 117 35.39 10.03 20.75
C VAL A 117 34.81 8.91 21.59
N THR A 118 33.61 9.17 22.12
CA THR A 118 32.80 8.14 22.76
C THR A 118 31.70 7.79 21.77
N VAL A 119 31.54 6.50 21.47
CA VAL A 119 30.56 6.03 20.51
C VAL A 119 29.53 5.12 21.19
N MET A 120 28.25 5.42 21.01
CA MET A 120 27.17 4.56 21.48
C MET A 120 26.40 3.98 20.28
N ALA A 121 26.55 2.67 20.07
CA ALA A 121 25.89 1.96 18.97
C ALA A 121 24.45 1.59 19.34
N MET A 122 23.48 2.10 18.59
CA MET A 122 22.07 1.86 18.89
C MET A 122 21.61 0.41 18.63
N ASP A 123 22.35 -0.32 17.81
CA ASP A 123 22.19 -1.77 17.63
C ASP A 123 22.64 -2.62 18.81
N SER A 124 23.33 -2.00 19.77
CA SER A 124 23.86 -2.71 20.93
C SER A 124 23.10 -2.42 22.23
N VAL A 125 21.88 -1.91 22.15
CA VAL A 125 21.06 -1.72 23.35
C VAL A 125 20.75 -3.12 23.90
N PRO A 126 21.06 -3.40 25.16
CA PRO A 126 20.72 -4.72 25.73
C PRO A 126 19.22 -5.00 25.63
N ARG A 127 18.90 -6.24 25.29
CA ARG A 127 17.52 -6.68 25.17
C ARG A 127 16.97 -7.09 26.54
N ILE A 128 16.87 -6.10 27.43
CA ILE A 128 16.23 -6.25 28.74
C ILE A 128 15.03 -5.31 28.80
N SER A 129 14.12 -5.60 29.73
CA SER A 129 12.82 -4.95 29.80
C SER A 129 12.91 -3.43 29.93
N ARG A 130 13.82 -2.99 30.79
CA ARG A 130 14.00 -1.56 31.07
C ARG A 130 14.59 -0.74 29.91
N ALA A 131 15.22 -1.40 28.93
CA ALA A 131 15.82 -0.69 27.77
C ALA A 131 14.87 -0.61 26.56
N GLN A 132 13.62 -1.03 26.73
CA GLN A 132 12.69 -1.16 25.61
C GLN A 132 12.34 0.19 24.98
N SER A 133 12.17 1.21 25.82
CA SER A 133 12.02 2.59 25.35
C SER A 133 13.24 3.15 24.57
N LEU A 134 14.38 2.46 24.61
CA LEU A 134 15.59 2.82 23.86
C LEU A 134 15.90 1.89 22.67
N ASP A 135 15.13 0.81 22.52
CA ASP A 135 15.52 -0.24 21.59
C ASP A 135 15.20 0.20 20.15
N ALA A 136 16.21 0.76 19.47
CA ALA A 136 16.07 1.23 18.08
C ALA A 136 15.77 0.04 17.17
N LEU A 137 16.35 -1.12 17.44
CA LEU A 137 16.08 -2.28 16.59
C LEU A 137 14.60 -2.69 16.58
N SER A 138 13.96 -2.64 17.73
CA SER A 138 12.53 -2.95 17.81
C SER A 138 11.67 -1.88 17.13
N SER A 139 12.06 -0.61 17.27
CA SER A 139 11.35 0.50 16.65
C SER A 139 11.34 0.34 15.14
N MET A 140 12.50 0.06 14.57
CA MET A 140 12.61 -0.11 13.13
C MET A 140 11.95 -1.39 12.66
N ALA A 141 11.99 -2.45 13.47
CA ALA A 141 11.34 -3.72 13.12
C ALA A 141 9.82 -3.55 13.06
N ASN A 142 9.27 -2.83 14.02
CA ASN A 142 7.83 -2.65 14.10
C ASN A 142 7.32 -1.86 12.87
N ILE A 143 8.09 -0.86 12.46
CA ILE A 143 7.75 -0.09 11.28
C ILE A 143 7.85 -0.96 10.03
N ALA A 144 8.92 -1.72 9.91
CA ALA A 144 9.15 -2.71 8.83
C ALA A 144 7.99 -3.68 8.62
N GLY A 145 7.47 -4.26 9.69
CA GLY A 145 6.37 -5.19 9.59
C GLY A 145 5.08 -4.56 9.09
N TYR A 146 4.82 -3.35 9.55
CA TYR A 146 3.67 -2.58 9.07
C TYR A 146 3.87 -2.22 7.64
N ARG A 147 5.08 -1.75 7.33
CA ARG A 147 5.36 -1.24 5.99
C ARG A 147 5.31 -2.38 4.98
N ALA A 148 5.69 -3.56 5.42
CA ALA A 148 5.67 -4.73 4.59
C ALA A 148 4.28 -5.02 4.08
N ILE A 149 3.26 -4.83 4.93
CA ILE A 149 1.92 -5.07 4.48
C ILE A 149 1.42 -3.98 3.53
N VAL A 150 1.90 -2.74 3.70
CA VAL A 150 1.55 -1.65 2.79
C VAL A 150 2.15 -1.90 1.39
N GLU A 151 3.38 -2.40 1.39
CA GLU A 151 4.11 -2.73 0.18
C GLU A 151 3.39 -3.88 -0.53
N ALA A 152 2.94 -4.85 0.24
CA ALA A 152 2.19 -5.99 -0.29
C ALA A 152 0.84 -5.58 -0.89
N ALA A 153 0.10 -4.70 -0.20
CA ALA A 153 -1.16 -4.21 -0.71
C ALA A 153 -0.93 -3.39 -1.97
N HIS A 154 0.18 -2.65 -2.02
CA HIS A 154 0.49 -1.88 -3.20
C HIS A 154 0.68 -2.77 -4.44
N GLU A 155 1.38 -3.90 -4.26
CA GLU A 155 1.74 -4.78 -5.36
C GLU A 155 0.66 -5.77 -5.67
N PHE A 156 -0.19 -6.05 -4.71
CA PHE A 156 -1.27 -7.01 -4.87
C PHE A 156 -2.38 -6.43 -5.78
N GLY A 157 -2.89 -7.26 -6.68
CA GLY A 157 -3.92 -6.92 -7.64
C GLY A 157 -5.33 -7.21 -7.15
N ARG A 158 -5.46 -7.74 -5.94
CA ARG A 158 -6.78 -8.01 -5.35
C ARG A 158 -7.04 -7.26 -4.05
N PHE A 159 -8.31 -7.19 -3.65
CA PHE A 159 -8.70 -6.74 -2.30
C PHE A 159 -7.98 -7.59 -1.28
N PHE A 160 -7.42 -6.95 -0.24
CA PHE A 160 -7.00 -7.68 0.96
C PHE A 160 -8.26 -8.05 1.75
N THR A 161 -9.22 -7.12 1.73
CA THR A 161 -10.38 -7.15 2.57
C THR A 161 -11.53 -7.87 1.90
N GLY A 162 -11.96 -8.98 2.48
CA GLY A 162 -13.19 -9.66 2.10
C GLY A 162 -14.38 -8.75 2.14
N GLN A 163 -15.26 -8.85 1.15
CA GLN A 163 -16.49 -8.04 1.18
C GLN A 163 -17.56 -8.49 0.20
N ILE A 164 -18.78 -8.00 0.43
CA ILE A 164 -19.90 -8.34 -0.43
C ILE A 164 -20.21 -7.11 -1.24
N THR A 165 -20.07 -7.26 -2.55
CA THR A 165 -20.39 -6.24 -3.52
C THR A 165 -21.64 -6.71 -4.29
N ALA A 166 -22.18 -5.84 -5.12
CA ALA A 166 -23.28 -6.20 -6.03
C ALA A 166 -22.84 -7.21 -7.07
N ALA A 167 -21.55 -7.17 -7.42
CA ALA A 167 -20.97 -8.10 -8.38
C ALA A 167 -20.31 -9.28 -7.67
N GLY A 168 -20.81 -9.63 -6.48
CA GLY A 168 -20.40 -10.86 -5.81
C GLY A 168 -19.59 -10.70 -4.55
N LYS A 169 -19.41 -11.82 -3.88
CA LYS A 169 -18.67 -11.90 -2.63
C LYS A 169 -17.23 -12.10 -2.98
N VAL A 170 -16.38 -11.21 -2.48
CA VAL A 170 -14.93 -11.34 -2.62
C VAL A 170 -14.38 -11.94 -1.34
N PRO A 171 -13.57 -12.98 -1.44
CA PRO A 171 -12.93 -13.54 -0.25
C PRO A 171 -11.77 -12.67 0.26
N PRO A 172 -11.44 -12.80 1.54
CA PRO A 172 -10.24 -12.17 2.06
C PRO A 172 -8.97 -12.82 1.53
N ALA A 173 -7.95 -12.00 1.41
CA ALA A 173 -6.61 -12.47 1.16
C ALA A 173 -6.14 -13.34 2.33
N LYS A 174 -5.32 -14.33 2.01
CA LYS A 174 -4.71 -15.20 3.01
C LYS A 174 -3.24 -14.81 3.07
N VAL A 175 -2.75 -14.57 4.29
CA VAL A 175 -1.39 -14.09 4.55
C VAL A 175 -0.67 -15.06 5.50
N MET A 176 0.51 -15.53 5.13
CA MET A 176 1.39 -16.28 6.02
C MET A 176 2.59 -15.39 6.39
N VAL A 177 2.89 -15.32 7.68
CA VAL A 177 4.03 -14.56 8.19
C VAL A 177 4.99 -15.55 8.86
N ILE A 178 6.23 -15.59 8.39
CA ILE A 178 7.23 -16.49 8.95
C ILE A 178 8.11 -15.68 9.87
N GLY A 179 8.09 -16.07 11.14
CA GLY A 179 8.81 -15.38 12.21
C GLY A 179 7.85 -14.41 12.84
N ALA A 180 7.68 -14.56 14.16
CA ALA A 180 6.76 -13.76 14.94
C ALA A 180 7.52 -12.97 15.99
N GLY A 181 8.71 -12.49 15.63
CA GLY A 181 9.37 -11.47 16.40
C GLY A 181 8.68 -10.14 16.15
N VAL A 182 9.34 -9.04 16.47
CA VAL A 182 8.69 -7.71 16.42
C VAL A 182 8.15 -7.38 15.02
N ALA A 183 8.95 -7.63 14.00
CA ALA A 183 8.53 -7.35 12.62
C ALA A 183 7.32 -8.24 12.23
N GLY A 184 7.47 -9.53 12.46
CA GLY A 184 6.42 -10.49 12.22
C GLY A 184 5.10 -10.09 12.84
N LEU A 185 5.11 -9.75 14.13
CA LEU A 185 3.88 -9.37 14.84
C LEU A 185 3.25 -8.11 14.25
N ALA A 186 4.06 -7.17 13.79
CA ALA A 186 3.56 -5.93 13.22
C ALA A 186 2.84 -6.25 11.92
N ALA A 187 3.43 -7.15 11.12
CA ALA A 187 2.85 -7.64 9.88
C ALA A 187 1.54 -8.36 10.13
N ILE A 188 1.49 -9.25 11.12
CA ILE A 188 0.23 -9.88 11.52
C ILE A 188 -0.80 -8.83 11.85
N GLY A 189 -0.42 -7.82 12.63
CA GLY A 189 -1.32 -6.76 13.01
C GLY A 189 -1.91 -5.96 11.85
N ALA A 190 -1.06 -5.48 10.95
CA ALA A 190 -1.50 -4.74 9.76
C ALA A 190 -2.37 -5.63 8.85
N ALA A 191 -2.00 -6.89 8.71
CA ALA A 191 -2.73 -7.80 7.82
C ALA A 191 -4.11 -8.05 8.37
N ASN A 192 -4.18 -8.25 9.67
CA ASN A 192 -5.46 -8.55 10.32
C ASN A 192 -6.40 -7.33 10.30
N SER A 193 -5.85 -6.14 10.46
CA SER A 193 -6.60 -4.89 10.38
C SER A 193 -7.26 -4.72 8.98
N LEU A 194 -6.55 -5.17 7.93
CA LEU A 194 -7.06 -5.17 6.57
C LEU A 194 -8.02 -6.34 6.26
N GLY A 195 -8.26 -7.18 7.27
CA GLY A 195 -9.28 -8.21 7.22
C GLY A 195 -8.84 -9.50 6.56
N ALA A 196 -7.53 -9.69 6.43
CA ALA A 196 -7.01 -10.91 5.87
C ALA A 196 -7.13 -12.04 6.89
N ILE A 197 -7.24 -13.26 6.37
CA ILE A 197 -7.04 -14.46 7.14
C ILE A 197 -5.54 -14.58 7.30
N VAL A 198 -5.05 -14.45 8.53
CA VAL A 198 -3.62 -14.43 8.80
C VAL A 198 -3.14 -15.70 9.51
N ARG A 199 -2.00 -16.21 9.07
CA ARG A 199 -1.37 -17.38 9.62
C ARG A 199 0.11 -17.11 9.81
N ALA A 200 0.66 -17.59 10.92
CA ALA A 200 2.05 -17.30 11.28
C ALA A 200 2.74 -18.55 11.78
N PHE A 201 4.01 -18.70 11.41
CA PHE A 201 4.85 -19.72 11.97
C PHE A 201 6.08 -19.12 12.69
N ASP A 202 6.37 -19.70 13.86
CA ASP A 202 7.55 -19.37 14.64
C ASP A 202 8.00 -20.64 15.40
N THR A 203 9.31 -20.87 15.44
CA THR A 203 9.89 -22.07 16.06
C THR A 203 9.74 -22.09 17.56
N ARG A 204 9.51 -20.92 18.16
CA ARG A 204 9.38 -20.78 19.61
C ARG A 204 7.93 -20.92 20.00
N PRO A 205 7.59 -21.97 20.76
CA PRO A 205 6.20 -22.17 21.21
C PRO A 205 5.64 -21.10 22.12
N GLU A 206 6.49 -20.32 22.78
CA GLU A 206 6.04 -19.32 23.75
C GLU A 206 5.14 -18.26 23.13
N VAL A 207 5.37 -17.92 21.84
CA VAL A 207 4.67 -16.83 21.18
C VAL A 207 3.27 -17.18 20.66
N LYS A 208 2.86 -18.44 20.80
CA LYS A 208 1.55 -18.90 20.32
C LYS A 208 0.41 -17.97 20.74
N GLU A 209 0.34 -17.66 22.03
CA GLU A 209 -0.80 -16.96 22.62
C GLU A 209 -0.86 -15.50 22.17
N GLN A 210 0.31 -14.94 21.89
CA GLN A 210 0.43 -13.59 21.35
C GLN A 210 -0.10 -13.53 19.91
N VAL A 211 0.41 -14.43 19.07
CA VAL A 211 -0.05 -14.59 17.69
C VAL A 211 -1.58 -14.75 17.62
N GLN A 212 -2.14 -15.59 18.48
CA GLN A 212 -3.59 -15.84 18.47
C GLN A 212 -4.45 -14.65 18.91
N SER A 213 -3.93 -13.86 19.85
CA SER A 213 -4.64 -12.67 20.32
C SER A 213 -4.73 -11.61 19.22
N MET A 214 -3.76 -11.60 18.31
CA MET A 214 -3.80 -10.69 17.14
C MET A 214 -4.76 -11.16 16.04
N GLY A 215 -5.23 -12.40 16.17
CA GLY A 215 -6.28 -12.93 15.32
C GLY A 215 -5.76 -13.95 14.33
N ALA A 216 -4.48 -14.31 14.46
CA ALA A 216 -3.84 -15.22 13.50
C ALA A 216 -3.79 -16.67 14.00
N GLU A 217 -3.81 -17.58 13.03
CA GLU A 217 -3.58 -18.98 13.30
C GLU A 217 -2.12 -19.24 13.52
N PHE A 218 -1.79 -19.89 14.63
CA PHE A 218 -0.42 -20.33 14.91
C PHE A 218 -0.23 -21.70 14.28
N LEU A 219 0.67 -21.78 13.31
CA LEU A 219 0.90 -22.99 12.54
C LEU A 219 1.82 -23.97 13.29
N GLU A 220 1.40 -25.24 13.31
CA GLU A 220 2.12 -26.30 14.01
C GLU A 220 2.66 -27.32 13.00
N LEU A 221 3.79 -27.95 13.31
CA LEU A 221 4.36 -28.99 12.45
C LEU A 221 3.79 -30.38 12.75
N GLY A 230 18.19 -33.77 24.19
CA GLY A 230 17.76 -33.02 23.02
C GLY A 230 16.98 -31.76 23.40
N ASP A 231 17.66 -30.61 23.45
CA ASP A 231 16.99 -29.35 23.75
C ASP A 231 16.29 -28.75 22.52
N GLY A 232 15.62 -27.61 22.72
CA GLY A 232 14.92 -26.92 21.64
C GLY A 232 15.84 -26.52 20.50
N TYR A 233 17.00 -25.95 20.86
CA TYR A 233 18.02 -25.58 19.89
C TYR A 233 18.34 -26.75 18.96
N ALA A 234 18.62 -27.92 19.51
CA ALA A 234 18.95 -29.11 18.69
C ALA A 234 17.76 -29.51 17.83
N LYS A 235 16.57 -29.37 18.41
CA LYS A 235 15.33 -29.72 17.74
C LYS A 235 15.21 -28.91 16.46
N VAL A 236 15.26 -27.57 16.57
CA VAL A 236 15.05 -26.68 15.42
C VAL A 236 16.19 -26.79 14.39
N MET A 237 17.32 -27.34 14.81
CA MET A 237 18.47 -27.53 13.94
C MET A 237 18.42 -28.87 13.22
N SER A 238 17.62 -29.80 13.72
CA SER A 238 17.63 -31.16 13.18
C SER A 238 17.03 -31.27 11.79
N ASP A 239 17.55 -32.22 11.03
CA ASP A 239 17.07 -32.53 9.68
C ASP A 239 15.59 -32.80 9.63
N ALA A 240 15.06 -33.47 10.65
CA ALA A 240 13.64 -33.81 10.73
C ALA A 240 12.74 -32.57 10.86
N PHE A 241 13.09 -31.65 11.75
CA PHE A 241 12.34 -30.42 11.97
C PHE A 241 12.42 -29.52 10.72
N ILE A 242 13.61 -29.35 10.18
CA ILE A 242 13.84 -28.58 8.96
C ILE A 242 13.08 -29.14 7.74
N LYS A 243 12.94 -30.46 7.66
CA LYS A 243 12.16 -31.10 6.59
C LYS A 243 10.69 -30.78 6.78
N ALA A 244 10.20 -30.93 8.01
CA ALA A 244 8.79 -30.67 8.33
C ALA A 244 8.42 -29.19 8.14
N GLU A 245 9.36 -28.31 8.44
CA GLU A 245 9.16 -26.88 8.36
C GLU A 245 9.05 -26.50 6.88
N MET A 246 9.95 -27.02 6.05
CA MET A 246 9.91 -26.82 4.59
C MET A 246 8.60 -27.36 3.98
N GLU A 247 8.12 -28.50 4.49
CA GLU A 247 6.84 -29.08 4.06
C GLU A 247 5.67 -28.19 4.44
N LEU A 248 5.75 -27.57 5.61
CA LEU A 248 4.68 -26.70 6.07
C LEU A 248 4.58 -25.51 5.12
N PHE A 249 5.75 -24.94 4.79
CA PHE A 249 5.80 -23.73 3.97
C PHE A 249 5.37 -24.02 2.54
N ALA A 250 5.61 -25.24 2.07
CA ALA A 250 5.31 -25.61 0.71
C ALA A 250 3.82 -25.73 0.56
N ALA A 251 3.19 -26.30 1.58
CA ALA A 251 1.75 -26.48 1.61
C ALA A 251 1.04 -25.14 1.71
N GLN A 252 1.55 -24.27 2.59
CA GLN A 252 0.96 -22.93 2.76
C GLN A 252 1.09 -22.12 1.49
N ALA A 253 2.23 -22.19 0.85
CA ALA A 253 2.47 -21.43 -0.36
C ALA A 253 1.37 -21.73 -1.38
N LYS A 254 0.95 -22.99 -1.46
CA LYS A 254 -0.06 -23.38 -2.42
C LYS A 254 -1.37 -22.68 -2.20
N GLU A 255 -1.72 -22.28 -0.97
CA GLU A 255 -3.02 -21.64 -0.74
C GLU A 255 -3.10 -20.17 -0.30
N VAL A 256 -1.99 -19.56 0.10
CA VAL A 256 -1.98 -18.18 0.55
C VAL A 256 -1.61 -17.24 -0.62
N ASP A 257 -2.00 -15.98 -0.47
CA ASP A 257 -1.72 -14.94 -1.46
C ASP A 257 -0.51 -14.06 -1.14
N ILE A 258 -0.23 -13.86 0.14
CA ILE A 258 0.85 -13.02 0.62
C ILE A 258 1.69 -13.81 1.64
N ILE A 259 3.02 -13.77 1.49
CA ILE A 259 3.93 -14.29 2.50
C ILE A 259 4.86 -13.16 2.94
N VAL A 260 4.99 -12.96 4.25
CA VAL A 260 5.95 -12.02 4.82
C VAL A 260 6.97 -12.88 5.59
N THR A 261 8.24 -12.83 5.21
CA THR A 261 9.27 -13.59 5.94
C THR A 261 10.24 -12.68 6.67
N THR A 262 10.53 -12.99 7.93
CA THR A 262 11.24 -12.08 8.82
C THR A 262 12.46 -12.71 9.49
N ALA A 263 12.89 -13.89 9.04
CA ALA A 263 13.95 -14.64 9.75
C ALA A 263 15.36 -14.13 9.38
N LEU A 264 15.87 -13.25 10.22
CA LEU A 264 17.13 -12.55 9.94
C LEU A 264 17.88 -12.39 11.25
N ILE A 265 19.12 -12.86 11.30
CA ILE A 265 20.04 -12.60 12.41
C ILE A 265 21.20 -11.74 11.88
N PRO A 266 21.49 -10.62 12.55
CA PRO A 266 22.61 -9.74 12.17
C PRO A 266 23.92 -10.45 11.80
N GLY A 267 24.42 -10.18 10.60
CA GLY A 267 25.73 -10.67 10.20
C GLY A 267 25.77 -12.05 9.57
N LYS A 268 24.77 -12.88 9.86
CA LYS A 268 24.68 -14.22 9.25
C LYS A 268 23.85 -14.18 7.95
N PRO A 269 24.20 -15.01 6.95
CA PRO A 269 23.35 -15.16 5.78
C PRO A 269 21.98 -15.71 6.20
N ALA A 270 20.90 -15.20 5.59
CA ALA A 270 19.55 -15.58 6.00
C ALA A 270 19.24 -16.97 5.45
N PRO A 271 18.51 -17.77 6.22
CA PRO A 271 18.14 -19.10 5.76
C PRO A 271 17.16 -19.00 4.59
N LYS A 272 17.32 -19.88 3.61
CA LYS A 272 16.40 -20.00 2.48
C LYS A 272 15.21 -20.87 2.90
N LEU A 273 14.15 -20.23 3.39
CA LEU A 273 12.94 -20.91 3.81
C LEU A 273 11.92 -21.08 2.68
N ILE A 274 11.89 -20.14 1.74
CA ILE A 274 10.99 -20.21 0.59
C ILE A 274 11.78 -20.46 -0.69
N THR A 275 11.72 -21.70 -1.18
CA THR A 275 12.44 -22.10 -2.39
C THR A 275 11.70 -21.68 -3.64
N ARG A 276 12.44 -21.67 -4.73
CA ARG A 276 11.89 -21.48 -6.08
C ARG A 276 10.65 -22.35 -6.31
N GLU A 277 10.74 -23.61 -5.92
CA GLU A 277 9.68 -24.59 -6.19
C GLU A 277 8.39 -24.20 -5.47
N MET A 278 8.52 -23.73 -4.24
CA MET A 278 7.35 -23.28 -3.49
C MET A 278 6.69 -22.07 -4.18
N VAL A 279 7.50 -21.10 -4.57
CA VAL A 279 7.00 -19.87 -5.19
C VAL A 279 6.33 -20.21 -6.52
N ASP A 280 6.97 -21.08 -7.30
CA ASP A 280 6.44 -21.58 -8.57
C ASP A 280 5.09 -22.26 -8.41
N SER A 281 4.81 -22.76 -7.22
CA SER A 281 3.53 -23.38 -6.90
C SER A 281 2.44 -22.35 -6.59
N MET A 282 2.81 -21.09 -6.43
CA MET A 282 1.87 -20.08 -5.96
C MET A 282 0.95 -19.62 -7.07
N LYS A 283 -0.21 -19.17 -6.67
CA LYS A 283 -1.17 -18.51 -7.54
C LYS A 283 -0.57 -17.20 -8.08
N ALA A 284 -0.70 -17.02 -9.39
CA ALA A 284 -0.31 -15.78 -10.07
C ALA A 284 -0.85 -14.57 -9.34
N GLY A 285 0.00 -13.56 -9.21
CA GLY A 285 -0.37 -12.32 -8.55
C GLY A 285 -0.08 -12.31 -7.04
N SER A 286 0.37 -13.44 -6.51
CA SER A 286 0.70 -13.50 -5.08
C SER A 286 1.88 -12.59 -4.82
N VAL A 287 2.06 -12.18 -3.57
CA VAL A 287 3.16 -11.28 -3.21
C VAL A 287 3.96 -11.86 -2.05
N ILE A 288 5.28 -11.81 -2.15
CA ILE A 288 6.14 -12.18 -1.02
C ILE A 288 6.91 -10.95 -0.59
N VAL A 289 6.89 -10.66 0.71
CA VAL A 289 7.71 -9.57 1.22
C VAL A 289 8.79 -10.18 2.12
N ASP A 290 10.02 -10.04 1.67
CA ASP A 290 11.20 -10.68 2.24
C ASP A 290 11.96 -9.67 3.09
N LEU A 291 11.58 -9.62 4.36
CA LEU A 291 12.23 -8.75 5.34
C LEU A 291 13.65 -9.22 5.76
N ALA A 292 14.17 -10.27 5.13
CA ALA A 292 15.52 -10.74 5.39
C ALA A 292 16.39 -10.43 4.20
N ALA A 293 15.89 -9.56 3.32
CA ALA A 293 16.55 -9.28 2.07
C ALA A 293 17.97 -8.75 2.24
N GLN A 294 18.22 -7.95 3.27
CA GLN A 294 19.55 -7.35 3.45
C GLN A 294 20.64 -8.37 3.74
N ASN A 295 20.25 -9.56 4.20
CA ASN A 295 21.21 -10.64 4.41
C ASN A 295 21.03 -11.79 3.40
N GLY A 296 20.52 -11.47 2.21
CA GLY A 296 20.38 -12.43 1.12
C GLY A 296 18.96 -12.90 0.87
N GLY A 297 18.11 -12.80 1.89
CA GLY A 297 16.69 -13.08 1.77
C GLY A 297 16.31 -14.49 2.20
N ASN A 298 15.11 -14.63 2.78
CA ASN A 298 14.54 -15.94 3.05
C ASN A 298 14.03 -16.64 1.81
N CYS A 299 13.89 -15.91 0.71
CA CYS A 299 13.29 -16.45 -0.50
C CYS A 299 14.36 -16.53 -1.57
N GLU A 300 14.43 -17.65 -2.28
CA GLU A 300 15.47 -17.89 -3.28
C GLU A 300 15.34 -17.00 -4.50
N TYR A 301 14.13 -16.49 -4.77
CA TYR A 301 13.90 -15.58 -5.89
C TYR A 301 14.21 -14.12 -5.56
N THR A 302 14.48 -13.85 -4.28
CA THR A 302 14.71 -12.47 -3.85
C THR A 302 15.94 -11.86 -4.48
N VAL A 303 15.79 -10.67 -5.02
CA VAL A 303 16.89 -9.82 -5.48
C VAL A 303 16.88 -8.60 -4.57
N PRO A 304 17.76 -8.54 -3.58
CA PRO A 304 17.74 -7.44 -2.62
C PRO A 304 17.78 -6.06 -3.27
N GLY A 305 16.94 -5.14 -2.79
CA GLY A 305 16.86 -3.79 -3.32
C GLY A 305 15.77 -3.61 -4.38
N GLU A 306 15.11 -4.70 -4.76
CA GLU A 306 14.20 -4.71 -5.92
C GLU A 306 12.98 -5.56 -5.68
N ILE A 307 12.02 -5.41 -6.59
CA ILE A 307 10.93 -6.35 -6.71
C ILE A 307 11.30 -7.22 -7.90
N PHE A 308 11.27 -8.51 -7.70
CA PHE A 308 11.45 -9.49 -8.77
C PHE A 308 10.13 -10.20 -9.04
N THR A 309 9.74 -10.26 -10.32
CA THR A 309 8.55 -10.96 -10.74
C THR A 309 8.93 -12.27 -11.39
N THR A 310 8.38 -13.36 -10.88
CA THR A 310 8.67 -14.68 -11.42
C THR A 310 7.86 -14.96 -12.70
N GLU A 311 8.21 -16.07 -13.33
CA GLU A 311 7.61 -16.48 -14.59
C GLU A 311 6.12 -16.77 -14.35
N ASN A 312 5.80 -17.35 -13.19
CA ASN A 312 4.42 -17.58 -12.79
C ASN A 312 3.68 -16.37 -12.14
N GLY A 313 4.24 -15.17 -12.26
CA GLY A 313 3.53 -13.94 -11.92
C GLY A 313 3.48 -13.59 -10.43
N VAL A 314 4.48 -14.04 -9.68
CA VAL A 314 4.59 -13.71 -8.26
C VAL A 314 5.57 -12.57 -8.08
N LYS A 315 5.19 -11.60 -7.26
CA LYS A 315 6.02 -10.41 -7.01
C LYS A 315 6.77 -10.66 -5.71
N VAL A 316 8.09 -10.68 -5.78
CA VAL A 316 8.91 -10.94 -4.62
C VAL A 316 9.59 -9.63 -4.23
N ILE A 317 9.14 -9.05 -3.14
CA ILE A 317 9.61 -7.72 -2.75
C ILE A 317 10.79 -7.85 -1.82
N GLY A 318 11.89 -7.26 -2.26
CA GLY A 318 13.15 -7.37 -1.55
C GLY A 318 13.81 -6.06 -1.17
N TYR A 319 13.07 -4.98 -1.09
CA TYR A 319 13.60 -3.72 -0.59
C TYR A 319 14.24 -3.92 0.80
N THR A 320 15.40 -3.29 1.02
CA THR A 320 16.14 -3.37 2.30
C THR A 320 15.99 -2.11 3.16
N ASP A 321 15.14 -1.18 2.75
CA ASP A 321 14.96 0.10 3.47
C ASP A 321 13.50 0.37 3.82
N LEU A 322 12.83 -0.63 4.37
CA LEU A 322 11.41 -0.43 4.71
C LEU A 322 11.22 0.76 5.67
N PRO A 323 12.01 0.89 6.73
CA PRO A 323 11.86 2.07 7.58
C PRO A 323 12.10 3.40 6.84
N GLY A 324 13.02 3.44 5.90
CA GLY A 324 13.26 4.63 5.10
C GLY A 324 12.10 4.94 4.16
N ARG A 325 11.21 3.94 3.98
CA ARG A 325 9.97 4.11 3.24
C ARG A 325 8.79 4.54 4.10
N LEU A 326 8.99 4.64 5.41
CA LEU A 326 8.09 5.33 6.33
C LEU A 326 8.94 6.37 7.12
N PRO A 327 9.57 7.30 6.40
CA PRO A 327 10.67 8.09 6.97
C PRO A 327 10.27 9.00 8.15
N THR A 328 9.05 9.51 8.11
CA THR A 328 8.55 10.41 9.15
C THR A 328 8.36 9.60 10.43
N GLN A 329 7.67 8.47 10.30
CA GLN A 329 7.45 7.58 11.44
C GLN A 329 8.73 7.05 12.05
N SER A 330 9.69 6.66 11.20
CA SER A 330 10.95 6.06 11.67
C SER A 330 11.81 7.10 12.38
N SER A 331 11.89 8.29 11.80
CA SER A 331 12.62 9.40 12.42
C SER A 331 12.02 9.79 13.77
N GLN A 332 10.70 9.78 13.91
CA GLN A 332 10.05 10.17 15.18
C GLN A 332 10.32 9.11 16.28
N LEU A 333 10.16 7.84 15.92
CA LEU A 333 10.38 6.75 16.87
C LEU A 333 11.87 6.58 17.20
N TYR A 334 12.74 6.48 16.20
CA TYR A 334 14.17 6.42 16.45
C TYR A 334 14.67 7.62 17.25
N GLY A 335 14.21 8.82 16.87
CA GLY A 335 14.55 10.06 17.58
C GLY A 335 14.17 9.98 19.05
N THR A 336 13.01 9.41 19.30
CA THR A 336 12.53 9.21 20.65
C THR A 336 13.42 8.21 21.40
N ASN A 337 13.90 7.15 20.73
CA ASN A 337 14.82 6.22 21.34
C ASN A 337 16.09 6.93 21.82
N LEU A 338 16.54 7.89 21.03
CA LEU A 338 17.75 8.65 21.34
C LEU A 338 17.51 9.57 22.52
N VAL A 339 16.33 10.19 22.57
CA VAL A 339 15.95 11.00 23.71
C VAL A 339 16.04 10.14 24.97
N ASN A 340 15.50 8.93 24.87
CA ASN A 340 15.42 8.06 26.03
C ASN A 340 16.80 7.60 26.52
N LEU A 341 17.73 7.39 25.60
CA LEU A 341 19.11 7.12 25.96
C LEU A 341 19.70 8.34 26.65
N LEU A 342 19.43 9.53 26.11
CA LEU A 342 19.98 10.75 26.71
C LEU A 342 19.38 11.03 28.08
N LYS A 343 18.15 10.59 28.33
CA LYS A 343 17.57 10.68 29.70
C LYS A 343 18.39 9.87 30.71
N LEU A 344 18.97 8.74 30.28
CA LEU A 344 19.88 7.94 31.12
C LEU A 344 21.24 8.57 31.27
N LEU A 345 21.68 9.27 30.24
CA LEU A 345 23.00 9.88 30.20
C LEU A 345 23.04 11.21 31.00
N CYS A 346 21.86 11.78 31.26
CA CYS A 346 21.74 13.15 31.74
C CYS A 346 20.61 13.24 32.77
N LYS A 347 20.78 12.53 33.88
CA LYS A 347 19.78 12.42 34.95
C LYS A 347 19.41 13.74 35.59
N GLU A 348 20.37 14.65 35.70
CA GLU A 348 20.12 16.00 36.25
C GLU A 348 19.59 16.95 35.17
N LYS A 349 19.30 18.20 35.57
CA LYS A 349 18.69 19.20 34.65
C LYS A 349 18.95 18.88 33.17
N ASP A 350 20.11 19.14 32.53
CA ASP A 350 21.32 19.92 32.93
C ASP A 350 22.40 19.99 31.80
N GLY A 351 22.27 19.16 30.75
CA GLY A 351 23.08 19.30 29.55
C GLY A 351 24.42 18.58 29.59
N ASN A 352 24.65 17.83 30.66
CA ASN A 352 25.92 17.12 30.82
C ASN A 352 25.71 15.61 30.81
N ILE A 353 26.63 14.93 30.13
CA ILE A 353 26.55 13.50 29.89
C ILE A 353 27.54 12.75 30.80
N THR A 354 27.02 11.74 31.49
CA THR A 354 27.82 10.88 32.34
C THR A 354 27.68 9.43 31.87
N VAL A 355 28.77 8.88 31.37
CA VAL A 355 28.84 7.52 30.87
C VAL A 355 29.16 6.56 32.02
N ASP A 356 28.12 6.10 32.70
CA ASP A 356 28.25 5.31 33.92
C ASP A 356 28.18 3.82 33.58
N PHE A 357 29.33 3.13 33.64
CA PHE A 357 29.39 1.71 33.29
C PHE A 357 28.74 0.75 34.30
N ASP A 358 28.26 1.28 35.42
CA ASP A 358 27.51 0.45 36.40
C ASP A 358 26.06 0.24 35.94
N ASP A 359 25.60 1.10 35.03
CA ASP A 359 24.33 0.94 34.33
C ASP A 359 24.52 0.02 33.10
N VAL A 360 24.09 -1.23 33.21
CA VAL A 360 24.26 -2.25 32.17
C VAL A 360 23.74 -1.84 30.79
N VAL A 361 22.78 -0.93 30.72
CA VAL A 361 22.29 -0.39 29.44
C VAL A 361 23.37 0.50 28.80
N ILE A 362 23.93 1.41 29.59
CA ILE A 362 25.01 2.25 29.11
C ILE A 362 26.21 1.39 28.70
N ARG A 363 26.52 0.39 29.52
CA ARG A 363 27.68 -0.45 29.29
C ARG A 363 27.51 -1.19 27.98
N GLY A 364 26.28 -1.63 27.74
CA GLY A 364 25.94 -2.39 26.57
C GLY A 364 26.07 -1.57 25.30
N VAL A 365 25.56 -0.34 25.32
CA VAL A 365 25.48 0.54 24.15
C VAL A 365 26.83 1.20 23.82
N THR A 366 27.68 1.40 24.82
CA THR A 366 28.94 2.09 24.65
C THR A 366 30.02 1.17 24.07
N VAL A 367 30.34 1.36 22.79
CA VAL A 367 31.26 0.51 22.05
C VAL A 367 32.66 1.13 21.92
N ILE A 368 32.74 2.46 22.02
CA ILE A 368 34.01 3.17 22.17
C ILE A 368 33.87 4.22 23.28
N ARG A 369 34.85 4.27 24.19
CA ARG A 369 34.86 5.28 25.25
C ARG A 369 36.21 6.00 25.29
N ALA A 370 36.17 7.30 25.04
CA ALA A 370 37.39 8.12 24.90
C ALA A 370 38.50 7.44 24.13
N GLY A 371 38.20 6.93 22.94
CA GLY A 371 39.23 6.42 22.05
C GLY A 371 39.64 4.96 22.21
N GLU A 372 39.12 4.31 23.25
CA GLU A 372 39.36 2.89 23.54
C GLU A 372 38.10 2.06 23.29
N ILE A 373 38.25 1.02 22.48
CA ILE A 373 37.13 0.14 22.17
C ILE A 373 36.70 -0.63 23.41
N THR A 374 35.46 -0.40 23.82
CA THR A 374 34.89 -1.07 24.97
C THR A 374 33.93 -2.19 24.58
N TRP A 375 33.64 -2.34 23.29
CA TRP A 375 32.83 -3.45 22.81
C TRP A 375 33.73 -4.69 22.70
N PRO A 376 33.18 -5.90 22.90
CA PRO A 376 31.81 -6.13 23.39
C PRO A 376 31.65 -6.11 24.92
N ALA A 377 30.43 -5.84 25.37
CA ALA A 377 30.14 -5.86 26.81
C ALA A 377 30.07 -7.31 27.32
N PRO A 378 30.29 -7.51 28.61
CA PRO A 378 30.17 -8.86 29.20
C PRO A 378 28.71 -9.35 29.23
N PRO A 379 28.49 -10.65 29.31
CA PRO A 379 27.16 -11.17 29.66
C PRO A 379 26.62 -10.43 30.88
N ILE A 380 25.34 -10.07 30.84
CA ILE A 380 24.76 -9.37 31.96
C ILE A 380 24.54 -10.39 33.07
N GLN A 381 25.08 -10.08 34.23
CA GLN A 381 24.99 -10.92 35.41
C GLN A 381 24.76 -9.97 36.59
N VAL A 382 23.51 -9.74 36.95
CA VAL A 382 23.18 -8.73 37.96
C VAL A 382 22.69 -9.37 39.25
N SER A 383 23.09 -8.79 40.38
CA SER A 383 22.76 -9.33 41.71
C SER A 383 21.30 -9.10 42.06
N HIS B 6 -18.19 -19.38 -33.76
CA HIS B 6 -19.24 -20.39 -33.47
C HIS B 6 -20.45 -19.75 -32.77
N HIS B 7 -21.63 -20.34 -33.01
CA HIS B 7 -22.88 -19.97 -32.32
C HIS B 7 -22.76 -20.35 -30.85
N GLY B 8 -23.15 -19.43 -29.98
CA GLY B 8 -22.95 -19.59 -28.56
C GLY B 8 -21.51 -19.43 -28.11
N ARG B 9 -20.57 -19.08 -28.98
CA ARG B 9 -19.21 -18.83 -28.51
C ARG B 9 -19.01 -17.37 -28.14
N ILE B 10 -18.39 -17.16 -26.99
CA ILE B 10 -18.01 -15.85 -26.50
C ILE B 10 -16.51 -15.75 -26.71
N GLY B 11 -16.06 -14.66 -27.29
CA GLY B 11 -14.65 -14.40 -27.44
C GLY B 11 -14.23 -13.33 -26.47
N ILE B 12 -13.11 -13.57 -25.81
CA ILE B 12 -12.51 -12.60 -24.88
C ILE B 12 -11.18 -12.12 -25.47
N PRO B 13 -11.17 -10.99 -26.17
CA PRO B 13 -9.90 -10.46 -26.68
C PRO B 13 -9.02 -9.86 -25.60
N ARG B 14 -7.74 -9.81 -25.94
CA ARG B 14 -6.76 -9.07 -25.18
C ARG B 14 -7.04 -7.58 -25.40
N GLU B 15 -6.99 -6.78 -24.34
CA GLU B 15 -7.21 -5.34 -24.45
C GLU B 15 -6.01 -4.70 -25.17
N ARG B 16 -6.30 -3.78 -26.06
CA ARG B 16 -5.30 -3.13 -26.94
C ARG B 16 -4.99 -1.72 -26.52
N LEU B 17 -5.82 -1.16 -25.66
CA LEU B 17 -5.65 0.22 -25.24
C LEU B 17 -4.34 0.36 -24.51
N THR B 18 -3.65 1.48 -24.73
CA THR B 18 -2.34 1.68 -24.11
C THR B 18 -2.40 1.54 -22.60
N ASN B 19 -1.54 0.68 -22.06
CA ASN B 19 -1.43 0.40 -20.61
C ASN B 19 -2.63 -0.26 -19.90
N GLU B 20 -3.64 -0.72 -20.64
CA GLU B 20 -4.76 -1.47 -20.04
C GLU B 20 -4.27 -2.81 -19.48
N THR B 21 -4.59 -3.07 -18.22
CA THR B 21 -4.20 -4.30 -17.54
C THR B 21 -5.36 -5.25 -17.30
N ARG B 22 -6.61 -4.77 -17.49
CA ARG B 22 -7.80 -5.55 -17.16
C ARG B 22 -8.19 -6.46 -18.32
N VAL B 23 -9.03 -7.44 -18.03
CA VAL B 23 -9.60 -8.37 -19.00
C VAL B 23 -11.09 -8.56 -18.64
N ALA B 24 -11.90 -8.87 -19.63
CA ALA B 24 -13.37 -8.90 -19.48
C ALA B 24 -13.93 -10.22 -18.95
N ALA B 25 -13.03 -11.17 -18.69
CA ALA B 25 -13.40 -12.45 -18.12
C ALA B 25 -12.25 -13.00 -17.30
N THR B 26 -12.61 -13.76 -16.28
CA THR B 26 -11.63 -14.49 -15.46
C THR B 26 -11.98 -16.00 -15.49
N PRO B 27 -11.09 -16.85 -15.03
CA PRO B 27 -11.41 -18.29 -14.91
C PRO B 27 -12.74 -18.55 -14.19
N LYS B 28 -13.02 -17.83 -13.11
CA LYS B 28 -14.30 -17.96 -12.41
C LYS B 28 -15.50 -17.47 -13.23
N THR B 29 -15.39 -16.37 -13.97
CA THR B 29 -16.53 -15.96 -14.80
C THR B 29 -16.71 -16.89 -15.99
N VAL B 30 -15.61 -17.42 -16.52
CA VAL B 30 -15.68 -18.43 -17.57
C VAL B 30 -16.50 -19.64 -17.09
N GLU B 31 -16.25 -20.08 -15.86
CA GLU B 31 -17.05 -21.17 -15.29
C GLU B 31 -18.54 -20.82 -15.33
N GLN B 32 -18.87 -19.60 -14.95
CA GLN B 32 -20.25 -19.14 -14.98
C GLN B 32 -20.85 -19.05 -16.39
N LEU B 33 -20.03 -18.64 -17.37
CA LEU B 33 -20.48 -18.50 -18.73
C LEU B 33 -20.83 -19.86 -19.34
N LEU B 34 -20.02 -20.89 -19.06
CA LEU B 34 -20.35 -22.24 -19.53
C LEU B 34 -21.64 -22.79 -18.91
N LYS B 35 -21.90 -22.43 -17.65
CA LYS B 35 -23.14 -22.79 -16.97
C LYS B 35 -24.36 -22.16 -17.66
N LEU B 36 -24.15 -21.11 -18.46
CA LEU B 36 -25.25 -20.52 -19.21
C LEU B 36 -25.40 -21.09 -20.61
N GLY B 37 -24.61 -22.10 -20.94
CA GLY B 37 -24.68 -22.76 -22.23
C GLY B 37 -23.75 -22.22 -23.32
N PHE B 38 -22.93 -21.20 -23.01
CA PHE B 38 -21.99 -20.67 -24.02
C PHE B 38 -20.70 -21.48 -24.03
N THR B 39 -19.92 -21.36 -25.10
CA THR B 39 -18.52 -21.76 -25.04
C THR B 39 -17.67 -20.50 -24.99
N VAL B 40 -16.40 -20.66 -24.63
CA VAL B 40 -15.56 -19.48 -24.42
C VAL B 40 -14.18 -19.66 -25.07
N ALA B 41 -13.80 -18.70 -25.90
CA ALA B 41 -12.46 -18.59 -26.46
C ALA B 41 -11.79 -17.35 -25.85
N VAL B 42 -10.64 -17.52 -25.23
CA VAL B 42 -9.85 -16.38 -24.74
C VAL B 42 -8.63 -16.21 -25.60
N GLU B 43 -8.38 -15.00 -26.08
CA GLU B 43 -7.15 -14.74 -26.82
C GLU B 43 -5.97 -14.91 -25.88
N SER B 44 -4.95 -15.64 -26.34
CA SER B 44 -3.76 -15.90 -25.55
C SER B 44 -3.19 -14.61 -24.95
N GLY B 45 -2.84 -14.69 -23.67
CA GLY B 45 -2.31 -13.56 -22.93
C GLY B 45 -3.30 -12.49 -22.48
N ALA B 46 -4.57 -12.62 -22.82
CA ALA B 46 -5.57 -11.58 -22.50
C ALA B 46 -5.59 -11.25 -21.01
N GLY B 47 -5.38 -12.26 -20.17
CA GLY B 47 -5.43 -12.09 -18.72
C GLY B 47 -4.11 -11.90 -17.98
N GLN B 48 -3.00 -11.84 -18.72
CA GLN B 48 -1.70 -11.88 -18.13
C GLN B 48 -1.42 -10.74 -17.16
N LEU B 49 -1.70 -9.53 -17.60
CA LEU B 49 -1.49 -8.33 -16.77
C LEU B 49 -2.43 -8.32 -15.55
N ALA B 50 -3.50 -9.11 -15.61
CA ALA B 50 -4.43 -9.20 -14.48
C ALA B 50 -4.17 -10.43 -13.60
N SER B 51 -3.04 -11.10 -13.85
CA SER B 51 -2.67 -12.37 -13.17
C SER B 51 -3.62 -13.58 -13.42
N PHE B 52 -4.13 -13.66 -14.65
CA PHE B 52 -4.83 -14.87 -15.12
C PHE B 52 -4.13 -15.39 -16.37
N ASP B 53 -3.33 -16.44 -16.16
CA ASP B 53 -2.52 -16.99 -17.22
C ASP B 53 -3.39 -17.89 -18.10
N ASP B 54 -2.94 -18.16 -19.33
CA ASP B 54 -3.69 -18.99 -20.27
C ASP B 54 -4.16 -20.29 -19.61
N LYS B 55 -3.32 -20.88 -18.77
CA LYS B 55 -3.61 -22.18 -18.20
C LYS B 55 -4.78 -22.13 -17.24
N ALA B 56 -4.90 -21.04 -16.49
CA ALA B 56 -6.06 -20.92 -15.60
C ALA B 56 -7.34 -20.80 -16.43
N PHE B 57 -7.32 -20.12 -17.57
CA PHE B 57 -8.55 -20.09 -18.40
C PHE B 57 -8.87 -21.50 -18.93
N VAL B 58 -7.84 -22.22 -19.39
CA VAL B 58 -8.03 -23.56 -19.98
C VAL B 58 -8.60 -24.51 -18.93
N GLN B 59 -8.06 -24.43 -17.71
CA GLN B 59 -8.59 -25.22 -16.57
C GLN B 59 -10.06 -24.92 -16.22
N ALA B 60 -10.50 -23.69 -16.49
CA ALA B 60 -11.89 -23.29 -16.28
C ALA B 60 -12.85 -23.74 -17.38
N GLY B 61 -12.32 -24.13 -18.53
CA GLY B 61 -13.09 -24.68 -19.64
C GLY B 61 -13.02 -23.87 -20.94
N ALA B 62 -12.28 -22.77 -20.94
CA ALA B 62 -12.12 -21.96 -22.14
C ALA B 62 -11.08 -22.59 -23.06
N GLU B 63 -11.10 -22.17 -24.31
CA GLU B 63 -10.17 -22.58 -25.32
C GLU B 63 -9.31 -21.35 -25.58
N ILE B 64 -8.00 -21.53 -25.77
CA ILE B 64 -7.07 -20.42 -26.09
C ILE B 64 -6.93 -20.35 -27.59
N VAL B 65 -7.03 -19.14 -28.13
CA VAL B 65 -6.92 -18.88 -29.57
C VAL B 65 -5.92 -17.77 -29.79
N GLU B 66 -5.42 -17.66 -31.01
CA GLU B 66 -4.35 -16.71 -31.31
C GLU B 66 -4.89 -15.56 -32.13
N GLY B 67 -4.45 -14.36 -31.76
CA GLY B 67 -4.88 -13.13 -32.41
C GLY B 67 -6.33 -13.09 -32.84
N ASN B 68 -6.53 -12.84 -34.14
CA ASN B 68 -7.84 -12.67 -34.80
C ASN B 68 -8.92 -13.69 -34.58
N SER B 69 -8.54 -14.90 -34.26
CA SER B 69 -9.50 -15.99 -34.15
C SER B 69 -10.60 -15.67 -33.13
N VAL B 70 -10.27 -14.84 -32.14
CA VAL B 70 -11.21 -14.52 -31.06
C VAL B 70 -12.45 -13.78 -31.59
N TRP B 71 -12.28 -13.03 -32.67
CA TRP B 71 -13.37 -12.24 -33.26
C TRP B 71 -14.39 -13.09 -34.02
N GLN B 72 -14.08 -14.36 -34.29
CA GLN B 72 -15.03 -15.30 -34.90
C GLN B 72 -15.93 -15.91 -33.85
N SER B 73 -16.47 -15.06 -32.99
CA SER B 73 -17.35 -15.50 -31.93
C SER B 73 -18.66 -14.79 -32.17
N GLU B 74 -19.75 -15.38 -31.70
CA GLU B 74 -21.05 -14.75 -31.75
C GLU B 74 -21.20 -13.60 -30.74
N ILE B 75 -20.48 -13.70 -29.64
CA ILE B 75 -20.50 -12.67 -28.63
C ILE B 75 -19.06 -12.30 -28.33
N ILE B 76 -18.81 -11.01 -28.13
CA ILE B 76 -17.52 -10.55 -27.70
C ILE B 76 -17.69 -9.72 -26.44
N LEU B 77 -16.95 -10.10 -25.40
CA LEU B 77 -16.85 -9.33 -24.16
C LEU B 77 -15.52 -8.64 -24.11
N LYS B 78 -15.54 -7.31 -23.93
CA LYS B 78 -14.34 -6.47 -23.81
C LYS B 78 -14.49 -5.50 -22.68
N VAL B 79 -13.38 -4.88 -22.31
CA VAL B 79 -13.40 -3.78 -21.36
C VAL B 79 -13.65 -2.47 -22.16
N ASN B 80 -12.67 -2.12 -23.00
CA ASN B 80 -12.73 -0.87 -23.78
C ASN B 80 -13.29 -1.10 -25.18
N ALA B 81 -13.85 -0.05 -25.76
CA ALA B 81 -14.45 -0.15 -27.06
C ALA B 81 -13.40 -0.61 -28.03
N PRO B 82 -13.84 -1.31 -29.07
CA PRO B 82 -12.94 -1.73 -30.15
C PRO B 82 -12.35 -0.55 -30.91
N LEU B 83 -11.07 -0.72 -31.26
CA LEU B 83 -10.35 0.24 -32.10
C LEU B 83 -10.75 0.02 -33.55
N ASP B 84 -10.40 0.95 -34.46
CA ASP B 84 -10.81 0.80 -35.89
C ASP B 84 -10.47 -0.55 -36.51
N ASP B 85 -9.27 -1.09 -36.25
CA ASP B 85 -8.89 -2.36 -36.86
C ASP B 85 -9.60 -3.56 -36.24
N GLU B 86 -10.07 -3.39 -35.01
CA GLU B 86 -10.94 -4.40 -34.39
C GLU B 86 -12.38 -4.37 -34.92
N ILE B 87 -12.91 -3.16 -35.12
CA ILE B 87 -14.28 -2.98 -35.63
C ILE B 87 -14.42 -3.72 -36.96
N ALA B 88 -13.41 -3.65 -37.82
CA ALA B 88 -13.42 -4.31 -39.13
C ALA B 88 -13.47 -5.83 -39.06
N LEU B 89 -13.11 -6.41 -37.92
CA LEU B 89 -13.21 -7.85 -37.74
C LEU B 89 -14.54 -8.31 -37.08
N LEU B 90 -15.39 -7.38 -36.69
CA LEU B 90 -16.75 -7.73 -36.20
C LEU B 90 -17.62 -8.20 -37.36
N ASN B 91 -18.12 -9.43 -37.25
CA ASN B 91 -19.02 -10.02 -38.24
C ASN B 91 -20.48 -9.73 -37.90
N PRO B 92 -21.30 -9.52 -38.93
CA PRO B 92 -22.75 -9.35 -38.77
C PRO B 92 -23.39 -10.33 -37.81
N GLY B 93 -24.29 -9.83 -36.98
CA GLY B 93 -25.02 -10.65 -36.03
C GLY B 93 -24.28 -10.86 -34.71
N THR B 94 -23.05 -10.32 -34.59
CA THR B 94 -22.25 -10.45 -33.36
C THR B 94 -22.85 -9.56 -32.30
N THR B 95 -22.83 -9.97 -31.03
CA THR B 95 -23.21 -9.09 -29.95
C THR B 95 -21.98 -8.68 -29.19
N LEU B 96 -21.66 -7.38 -29.14
CA LEU B 96 -20.49 -6.84 -28.47
C LEU B 96 -20.90 -6.22 -27.13
N VAL B 97 -20.25 -6.60 -26.03
CA VAL B 97 -20.42 -5.96 -24.74
C VAL B 97 -19.12 -5.35 -24.27
N SER B 98 -19.15 -4.06 -23.98
CA SER B 98 -17.99 -3.29 -23.52
C SER B 98 -18.43 -1.92 -23.05
N PHE B 99 -17.53 -1.18 -22.41
CA PHE B 99 -17.70 0.26 -22.30
C PHE B 99 -17.71 0.84 -23.72
N ILE B 100 -18.57 1.82 -23.97
CA ILE B 100 -18.71 2.44 -25.28
C ILE B 100 -18.71 3.98 -25.16
N TRP B 101 -19.46 4.52 -24.21
CA TRP B 101 -19.57 5.98 -24.05
C TRP B 101 -20.08 6.65 -25.34
N PRO B 102 -21.34 6.33 -25.68
CA PRO B 102 -21.93 6.78 -26.95
C PRO B 102 -22.03 8.32 -27.10
N ALA B 103 -22.28 9.07 -26.02
CA ALA B 103 -22.35 10.53 -26.10
C ALA B 103 -21.03 11.12 -26.55
N GLN B 104 -19.94 10.63 -25.98
CA GLN B 104 -18.60 11.11 -26.29
C GLN B 104 -18.08 10.52 -27.59
N ASN B 105 -18.74 9.51 -28.16
CA ASN B 105 -18.22 8.81 -29.33
C ASN B 105 -19.21 8.49 -30.43
N PRO B 106 -19.85 9.50 -31.04
CA PRO B 106 -20.80 9.26 -32.14
C PRO B 106 -20.22 8.56 -33.37
N GLU B 107 -19.03 8.95 -33.76
CA GLU B 107 -18.25 8.29 -34.83
C GLU B 107 -18.10 6.77 -34.62
N LEU B 108 -17.73 6.37 -33.42
CA LEU B 108 -17.61 4.94 -33.06
C LEU B 108 -18.98 4.24 -33.19
N MET B 109 -20.01 4.88 -32.68
CA MET B 109 -21.37 4.36 -32.78
C MET B 109 -21.72 4.06 -34.26
N GLN B 110 -21.34 4.99 -35.16
CA GLN B 110 -21.60 4.84 -36.60
C GLN B 110 -20.86 3.64 -37.18
N LYS B 111 -19.57 3.50 -36.83
CA LYS B 111 -18.77 2.39 -37.36
C LYS B 111 -19.28 1.01 -36.90
N LEU B 112 -19.70 0.91 -35.64
CA LEU B 112 -20.28 -0.34 -35.15
C LEU B 112 -21.60 -0.64 -35.85
N ALA B 113 -22.43 0.39 -36.04
CA ALA B 113 -23.72 0.18 -36.71
C ALA B 113 -23.58 -0.46 -38.09
N GLU B 114 -22.59 0.01 -38.87
CA GLU B 114 -22.33 -0.50 -40.20
C GLU B 114 -21.87 -1.94 -40.24
N ARG B 115 -21.35 -2.47 -39.12
CA ARG B 115 -21.06 -3.89 -39.01
C ARG B 115 -22.31 -4.77 -38.74
N ASN B 116 -23.48 -4.14 -38.58
CA ASN B 116 -24.73 -4.85 -38.32
C ASN B 116 -24.57 -5.79 -37.15
N VAL B 117 -24.07 -5.22 -36.06
CA VAL B 117 -23.93 -5.94 -34.79
C VAL B 117 -24.90 -5.34 -33.78
N THR B 118 -24.97 -6.01 -32.65
CA THR B 118 -25.67 -5.51 -31.46
C THR B 118 -24.61 -5.14 -30.45
N VAL B 119 -24.80 -4.00 -29.81
CA VAL B 119 -23.86 -3.50 -28.81
C VAL B 119 -24.57 -3.16 -27.51
N MET B 120 -24.03 -3.72 -26.44
CA MET B 120 -24.41 -3.43 -25.04
C MET B 120 -23.29 -2.58 -24.45
N ALA B 121 -23.60 -1.34 -24.07
CA ALA B 121 -22.65 -0.42 -23.50
C ALA B 121 -22.76 -0.50 -22.00
N MET B 122 -21.69 -0.94 -21.34
CA MET B 122 -21.69 -1.17 -19.90
C MET B 122 -21.73 0.12 -19.11
N ASP B 123 -21.35 1.24 -19.72
CA ASP B 123 -21.60 2.56 -19.11
C ASP B 123 -23.09 3.02 -19.10
N SER B 124 -23.97 2.30 -19.78
CA SER B 124 -25.34 2.78 -20.02
C SER B 124 -26.37 1.97 -19.25
N VAL B 125 -25.92 1.10 -18.37
CA VAL B 125 -26.82 0.39 -17.44
C VAL B 125 -27.59 1.44 -16.66
N PRO B 126 -28.93 1.41 -16.70
CA PRO B 126 -29.73 2.37 -15.91
C PRO B 126 -29.51 2.21 -14.41
N ARG B 127 -29.51 3.32 -13.71
CA ARG B 127 -29.24 3.33 -12.29
C ARG B 127 -30.54 3.05 -11.51
N ILE B 128 -31.11 1.87 -11.71
CA ILE B 128 -32.16 1.37 -10.81
C ILE B 128 -31.60 0.18 -10.05
N SER B 129 -32.22 -0.12 -8.91
CA SER B 129 -31.72 -1.12 -7.96
C SER B 129 -31.58 -2.54 -8.49
N ARG B 130 -32.51 -2.99 -9.32
CA ARG B 130 -32.41 -4.36 -9.80
C ARG B 130 -31.26 -4.55 -10.80
N ALA B 131 -30.67 -3.45 -11.26
CA ALA B 131 -29.53 -3.49 -12.21
C ALA B 131 -28.16 -3.30 -11.55
N GLN B 132 -28.13 -3.16 -10.21
CA GLN B 132 -26.88 -3.05 -9.44
C GLN B 132 -25.86 -4.16 -9.73
N SER B 133 -26.32 -5.38 -9.91
CA SER B 133 -25.43 -6.49 -10.23
C SER B 133 -24.81 -6.39 -11.63
N LEU B 134 -25.35 -5.53 -12.48
CA LEU B 134 -24.81 -5.23 -13.84
C LEU B 134 -24.00 -3.95 -13.92
N ASP B 135 -24.01 -3.17 -12.85
CA ASP B 135 -23.46 -1.82 -12.91
C ASP B 135 -21.94 -1.81 -12.83
N ALA B 136 -21.31 -1.81 -14.01
CA ALA B 136 -19.87 -1.81 -14.13
C ALA B 136 -19.26 -0.49 -13.60
N LEU B 137 -19.97 0.62 -13.73
CA LEU B 137 -19.48 1.88 -13.19
C LEU B 137 -19.35 1.84 -11.67
N SER B 138 -20.30 1.23 -10.98
CA SER B 138 -20.15 1.07 -9.55
C SER B 138 -19.01 0.12 -9.16
N SER B 139 -18.90 -0.99 -9.87
CA SER B 139 -17.83 -1.94 -9.59
C SER B 139 -16.50 -1.23 -9.61
N MET B 140 -16.31 -0.40 -10.63
CA MET B 140 -15.03 0.24 -10.86
C MET B 140 -14.80 1.37 -9.83
N ALA B 141 -15.88 2.09 -9.47
CA ALA B 141 -15.80 3.14 -8.48
C ALA B 141 -15.41 2.57 -7.12
N ASN B 142 -15.97 1.39 -6.79
CA ASN B 142 -15.70 0.71 -5.53
C ASN B 142 -14.21 0.37 -5.46
N ILE B 143 -13.71 -0.24 -6.54
CA ILE B 143 -12.28 -0.59 -6.64
C ILE B 143 -11.42 0.68 -6.46
N ALA B 144 -11.76 1.75 -7.18
CA ALA B 144 -10.99 3.00 -7.15
C ALA B 144 -10.90 3.62 -5.76
N GLY B 145 -11.95 3.50 -4.96
CA GLY B 145 -11.92 4.05 -3.63
C GLY B 145 -11.00 3.28 -2.71
N TYR B 146 -11.06 1.94 -2.81
CA TYR B 146 -10.16 1.06 -2.11
C TYR B 146 -8.74 1.37 -2.51
N ARG B 147 -8.50 1.39 -3.81
CA ARG B 147 -7.13 1.53 -4.32
C ARG B 147 -6.58 2.90 -3.99
N ALA B 148 -7.45 3.90 -3.92
CA ALA B 148 -7.02 5.25 -3.58
C ALA B 148 -6.37 5.24 -2.23
N ILE B 149 -6.96 4.51 -1.28
CA ILE B 149 -6.39 4.41 0.06
C ILE B 149 -5.12 3.59 0.06
N VAL B 150 -5.04 2.56 -0.79
CA VAL B 150 -3.82 1.77 -0.88
C VAL B 150 -2.68 2.66 -1.40
N GLU B 151 -2.97 3.50 -2.38
CA GLU B 151 -1.95 4.44 -2.91
C GLU B 151 -1.54 5.48 -1.89
N ALA B 152 -2.51 6.00 -1.15
CA ALA B 152 -2.22 6.97 -0.09
C ALA B 152 -1.29 6.40 0.98
N ALA B 153 -1.61 5.19 1.48
CA ALA B 153 -0.77 4.50 2.46
C ALA B 153 0.62 4.24 1.94
N HIS B 154 0.72 3.85 0.67
CA HIS B 154 2.04 3.65 0.07
C HIS B 154 2.90 4.94 0.03
N GLU B 155 2.27 6.07 -0.26
CA GLU B 155 2.98 7.32 -0.35
C GLU B 155 3.17 8.06 0.99
N PHE B 156 2.37 7.75 2.00
CA PHE B 156 2.36 8.45 3.28
C PHE B 156 3.52 7.93 4.10
N GLY B 157 4.14 8.84 4.84
CA GLY B 157 5.41 8.57 5.52
C GLY B 157 5.20 8.24 6.97
N ARG B 158 3.94 8.12 7.36
CA ARG B 158 3.59 7.81 8.74
C ARG B 158 2.65 6.61 8.81
N PHE B 159 2.50 6.06 10.02
CA PHE B 159 1.45 5.11 10.27
C PHE B 159 0.06 5.74 9.96
N PHE B 160 -0.77 4.98 9.24
CA PHE B 160 -2.21 5.23 9.18
C PHE B 160 -2.82 4.83 10.52
N THR B 161 -2.33 3.71 11.07
CA THR B 161 -2.88 3.08 12.27
C THR B 161 -2.32 3.61 13.59
N GLY B 162 -3.19 4.09 14.48
CA GLY B 162 -2.78 4.49 15.82
C GLY B 162 -2.21 3.29 16.54
N GLN B 163 -1.32 3.53 17.50
CA GLN B 163 -0.50 2.45 18.09
C GLN B 163 0.22 2.94 19.34
N ILE B 164 0.23 2.13 20.40
CA ILE B 164 1.08 2.37 21.57
C ILE B 164 2.37 1.59 21.32
N THR B 165 3.50 2.29 21.24
CA THR B 165 4.82 1.66 21.16
C THR B 165 5.70 2.05 22.36
N ALA B 166 6.74 1.27 22.62
CA ALA B 166 7.72 1.59 23.66
C ALA B 166 8.36 2.95 23.43
N ALA B 167 8.43 3.37 22.16
CA ALA B 167 9.05 4.64 21.79
C ALA B 167 8.04 5.75 21.56
N GLY B 168 6.85 5.64 22.15
CA GLY B 168 5.82 6.65 21.99
C GLY B 168 4.47 6.15 21.48
N LYS B 169 3.43 6.92 21.82
CA LYS B 169 2.08 6.65 21.35
C LYS B 169 1.90 7.43 20.06
N VAL B 170 1.49 6.73 19.01
CA VAL B 170 1.33 7.34 17.69
C VAL B 170 -0.15 7.50 17.40
N PRO B 171 -0.61 8.72 17.14
CA PRO B 171 -2.01 8.92 16.76
C PRO B 171 -2.33 8.40 15.34
N PRO B 172 -3.59 8.11 15.06
CA PRO B 172 -3.99 7.67 13.71
C PRO B 172 -4.03 8.84 12.75
N ALA B 173 -3.88 8.47 11.49
CA ALA B 173 -4.02 9.41 10.39
C ALA B 173 -5.46 9.88 10.36
N LYS B 174 -5.65 11.13 9.98
CA LYS B 174 -6.96 11.70 9.80
C LYS B 174 -7.24 11.79 8.31
N VAL B 175 -8.38 11.27 7.88
CA VAL B 175 -8.75 11.19 6.46
C VAL B 175 -10.05 11.95 6.20
N MET B 176 -10.05 12.84 5.21
CA MET B 176 -11.28 13.45 4.73
C MET B 176 -11.60 12.91 3.35
N VAL B 177 -12.80 12.39 3.19
CA VAL B 177 -13.32 11.93 1.92
C VAL B 177 -14.38 12.94 1.44
N ILE B 178 -14.17 13.51 0.27
CA ILE B 178 -15.17 14.37 -0.38
C ILE B 178 -16.00 13.59 -1.41
N GLY B 179 -17.29 13.44 -1.11
CA GLY B 179 -18.22 12.66 -1.90
C GLY B 179 -18.29 11.29 -1.30
N ALA B 180 -19.49 10.88 -0.91
CA ALA B 180 -19.74 9.59 -0.35
C ALA B 180 -20.71 8.80 -1.23
N GLY B 181 -20.48 8.85 -2.54
CA GLY B 181 -21.03 7.83 -3.43
C GLY B 181 -20.24 6.52 -3.30
N VAL B 182 -20.33 5.66 -4.29
CA VAL B 182 -19.69 4.35 -4.22
C VAL B 182 -18.17 4.42 -3.95
N ALA B 183 -17.48 5.35 -4.61
CA ALA B 183 -16.02 5.40 -4.51
C ALA B 183 -15.60 5.98 -3.13
N GLY B 184 -16.25 7.07 -2.75
CA GLY B 184 -16.10 7.67 -1.44
C GLY B 184 -16.35 6.70 -0.32
N LEU B 185 -17.41 5.92 -0.40
CA LEU B 185 -17.69 4.93 0.65
C LEU B 185 -16.64 3.82 0.71
N ALA B 186 -16.16 3.37 -0.44
CA ALA B 186 -15.08 2.39 -0.46
C ALA B 186 -13.80 2.98 0.17
N ALA B 187 -13.51 4.25 -0.11
CA ALA B 187 -12.37 4.96 0.54
C ALA B 187 -12.55 4.99 2.05
N ILE B 188 -13.75 5.36 2.48
CA ILE B 188 -14.03 5.36 3.91
C ILE B 188 -13.69 4.02 4.50
N GLY B 189 -14.19 2.97 3.88
CA GLY B 189 -14.01 1.60 4.32
C GLY B 189 -12.58 1.15 4.40
N ALA B 190 -11.78 1.46 3.37
CA ALA B 190 -10.38 1.10 3.37
C ALA B 190 -9.66 1.85 4.47
N ALA B 191 -9.91 3.15 4.56
CA ALA B 191 -9.27 3.98 5.56
C ALA B 191 -9.59 3.44 6.96
N ASN B 192 -10.85 3.00 7.17
CA ASN B 192 -11.26 2.43 8.46
C ASN B 192 -10.48 1.19 8.79
N SER B 193 -10.28 0.32 7.80
CA SER B 193 -9.51 -0.89 7.97
C SER B 193 -8.07 -0.60 8.42
N LEU B 194 -7.46 0.46 7.89
CA LEU B 194 -6.16 0.93 8.38
C LEU B 194 -6.16 1.68 9.73
N GLY B 195 -7.31 1.76 10.39
CA GLY B 195 -7.46 2.44 11.68
C GLY B 195 -7.49 3.96 11.70
N ALA B 196 -7.75 4.59 10.56
CA ALA B 196 -7.75 6.04 10.45
C ALA B 196 -9.05 6.64 11.01
N ILE B 197 -8.96 7.89 11.42
CA ILE B 197 -10.14 8.68 11.79
C ILE B 197 -10.62 9.30 10.52
N VAL B 198 -11.85 8.98 10.13
CA VAL B 198 -12.40 9.41 8.86
C VAL B 198 -13.52 10.41 9.04
N ARG B 199 -13.48 11.43 8.19
CA ARG B 199 -14.54 12.40 8.00
C ARG B 199 -14.90 12.45 6.55
N ALA B 200 -16.19 12.62 6.29
CA ALA B 200 -16.70 12.69 4.95
C ALA B 200 -17.74 13.80 4.77
N PHE B 201 -17.71 14.40 3.59
CA PHE B 201 -18.73 15.34 3.17
C PHE B 201 -19.41 14.91 1.88
N ASP B 202 -20.73 15.03 1.86
CA ASP B 202 -21.54 14.84 0.68
C ASP B 202 -22.68 15.88 0.75
N THR B 203 -23.07 16.42 -0.40
CA THR B 203 -24.19 17.35 -0.48
C THR B 203 -25.55 16.66 -0.29
N ARG B 204 -25.60 15.34 -0.41
CA ARG B 204 -26.86 14.61 -0.30
C ARG B 204 -27.02 14.10 1.13
N PRO B 205 -28.00 14.63 1.86
CA PRO B 205 -28.16 14.30 3.29
C PRO B 205 -28.58 12.86 3.54
N GLU B 206 -29.18 12.21 2.55
CA GLU B 206 -29.57 10.81 2.66
C GLU B 206 -28.42 9.81 2.83
N VAL B 207 -27.18 10.19 2.49
CA VAL B 207 -26.03 9.31 2.78
C VAL B 207 -25.50 9.45 4.23
N LYS B 208 -26.02 10.42 4.98
CA LYS B 208 -25.56 10.67 6.36
C LYS B 208 -25.53 9.41 7.18
N GLU B 209 -26.60 8.62 7.18
CA GLU B 209 -26.66 7.42 8.02
C GLU B 209 -25.65 6.36 7.58
N GLN B 210 -25.41 6.26 6.28
CA GLN B 210 -24.42 5.31 5.75
C GLN B 210 -23.05 5.68 6.32
N VAL B 211 -22.67 6.94 6.16
CA VAL B 211 -21.37 7.45 6.63
C VAL B 211 -21.16 7.27 8.12
N GLN B 212 -22.19 7.59 8.91
CA GLN B 212 -22.10 7.50 10.37
C GLN B 212 -22.02 6.06 10.85
N SER B 213 -22.72 5.17 10.15
CA SER B 213 -22.70 3.74 10.43
C SER B 213 -21.32 3.13 10.22
N MET B 214 -20.48 3.80 9.45
CA MET B 214 -19.08 3.35 9.24
C MET B 214 -18.14 3.96 10.28
N GLY B 215 -18.70 4.61 11.29
CA GLY B 215 -17.90 5.30 12.30
C GLY B 215 -17.17 6.51 11.77
N ALA B 216 -17.65 7.07 10.67
CA ALA B 216 -17.06 8.29 10.15
C ALA B 216 -17.93 9.49 10.54
N GLU B 217 -17.33 10.66 10.62
CA GLU B 217 -18.06 11.88 10.90
C GLU B 217 -18.61 12.47 9.60
N PHE B 218 -19.92 12.69 9.56
CA PHE B 218 -20.58 13.36 8.45
C PHE B 218 -20.47 14.87 8.69
N LEU B 219 -19.62 15.52 7.92
CA LEU B 219 -19.33 16.94 8.11
C LEU B 219 -20.53 17.81 7.70
N GLU B 220 -20.77 18.88 8.44
CA GLU B 220 -21.88 19.79 8.17
C GLU B 220 -21.36 21.18 7.80
N LEU B 221 -22.23 21.99 7.20
CA LEU B 221 -21.90 23.35 6.74
C LEU B 221 -22.36 24.46 7.70
N ASP B 222 -21.81 25.67 7.47
CA ASP B 222 -22.16 26.93 8.19
C ASP B 222 -21.77 26.86 9.67
N SER B 238 -25.40 27.01 -6.35
CA SER B 238 -25.72 28.19 -5.53
C SER B 238 -24.47 28.71 -4.82
N ASP B 239 -24.32 30.03 -4.75
CA ASP B 239 -23.08 30.67 -4.29
C ASP B 239 -22.87 30.62 -2.80
N ALA B 240 -23.96 30.67 -2.03
CA ALA B 240 -23.88 30.59 -0.58
C ALA B 240 -23.47 29.19 -0.16
N PHE B 241 -23.99 28.18 -0.87
CA PHE B 241 -23.72 26.79 -0.55
C PHE B 241 -22.27 26.45 -0.89
N ILE B 242 -21.82 26.86 -2.07
CA ILE B 242 -20.45 26.61 -2.52
C ILE B 242 -19.42 27.25 -1.59
N LYS B 243 -19.63 28.52 -1.24
CA LYS B 243 -18.71 29.26 -0.34
C LYS B 243 -18.59 28.59 1.03
N ALA B 244 -19.70 28.15 1.61
CA ALA B 244 -19.67 27.45 2.89
C ALA B 244 -19.01 26.07 2.75
N GLU B 245 -19.14 25.48 1.56
CA GLU B 245 -18.53 24.18 1.22
C GLU B 245 -17.01 24.34 1.13
N MET B 246 -16.57 25.42 0.50
CA MET B 246 -15.15 25.72 0.36
C MET B 246 -14.52 26.06 1.70
N GLU B 247 -15.28 26.72 2.56
CA GLU B 247 -14.82 27.06 3.91
C GLU B 247 -14.63 25.81 4.78
N LEU B 248 -15.49 24.81 4.57
CA LEU B 248 -15.35 23.54 5.27
C LEU B 248 -14.07 22.84 4.81
N PHE B 249 -13.88 22.74 3.50
CA PHE B 249 -12.71 22.07 2.97
C PHE B 249 -11.45 22.79 3.40
N ALA B 250 -11.43 24.11 3.35
CA ALA B 250 -10.23 24.86 3.75
C ALA B 250 -9.88 24.61 5.22
N ALA B 251 -10.88 24.53 6.08
CA ALA B 251 -10.69 24.28 7.51
C ALA B 251 -10.21 22.85 7.77
N GLN B 252 -10.74 21.92 6.97
CA GLN B 252 -10.41 20.51 7.12
C GLN B 252 -9.02 20.23 6.56
N ALA B 253 -8.63 20.95 5.52
CA ALA B 253 -7.30 20.77 4.93
C ALA B 253 -6.19 21.05 5.96
N LYS B 254 -6.41 22.04 6.83
CA LYS B 254 -5.46 22.35 7.91
C LYS B 254 -5.32 21.27 8.99
N GLU B 255 -6.28 20.35 9.09
CA GLU B 255 -6.31 19.34 10.16
C GLU B 255 -5.98 17.89 9.72
N VAL B 256 -6.34 17.53 8.50
CA VAL B 256 -6.23 16.14 8.08
C VAL B 256 -4.91 15.85 7.33
N ASP B 257 -4.59 14.58 7.30
CA ASP B 257 -3.38 14.09 6.62
C ASP B 257 -3.62 13.63 5.18
N ILE B 258 -4.80 13.08 4.92
CA ILE B 258 -5.14 12.46 3.63
C ILE B 258 -6.47 13.04 3.17
N ILE B 259 -6.55 13.53 1.95
CA ILE B 259 -7.86 13.85 1.37
C ILE B 259 -8.12 12.96 0.17
N VAL B 260 -9.26 12.28 0.13
CA VAL B 260 -9.69 11.53 -1.04
C VAL B 260 -10.87 12.30 -1.63
N THR B 261 -10.77 12.69 -2.88
CA THR B 261 -11.87 13.44 -3.48
C THR B 261 -12.43 12.73 -4.70
N THR B 262 -13.75 12.63 -4.78
CA THR B 262 -14.45 11.74 -5.70
C THR B 262 -15.58 12.40 -6.51
N ALA B 263 -15.60 13.73 -6.57
CA ALA B 263 -16.72 14.45 -7.14
C ALA B 263 -16.55 14.52 -8.65
N LEU B 264 -17.13 13.52 -9.34
CA LEU B 264 -17.00 13.30 -10.78
C LEU B 264 -18.34 12.93 -11.39
N ILE B 265 -18.72 13.60 -12.48
CA ILE B 265 -19.86 13.17 -13.30
C ILE B 265 -19.29 12.82 -14.68
N PRO B 266 -19.52 11.60 -15.17
CA PRO B 266 -19.02 11.26 -16.53
C PRO B 266 -19.38 12.34 -17.58
N GLY B 267 -18.43 12.66 -18.46
CA GLY B 267 -18.64 13.64 -19.52
C GLY B 267 -18.68 15.12 -19.13
N LYS B 268 -18.33 15.44 -17.88
CA LYS B 268 -18.40 16.84 -17.40
C LYS B 268 -17.11 17.26 -16.67
N PRO B 269 -16.65 18.52 -16.83
CA PRO B 269 -15.48 19.00 -16.07
C PRO B 269 -15.69 18.90 -14.55
N ALA B 270 -14.69 18.34 -13.86
CA ALA B 270 -14.73 18.16 -12.42
C ALA B 270 -14.64 19.51 -11.69
N PRO B 271 -15.48 19.75 -10.70
CA PRO B 271 -15.40 21.02 -9.97
C PRO B 271 -14.09 21.12 -9.16
N LYS B 272 -13.40 22.26 -9.23
CA LYS B 272 -12.24 22.49 -8.37
C LYS B 272 -12.74 22.76 -6.95
N LEU B 273 -12.62 21.76 -6.09
CA LEU B 273 -13.04 21.85 -4.70
C LEU B 273 -11.88 22.12 -3.72
N ILE B 274 -10.68 21.67 -4.08
CA ILE B 274 -9.52 21.84 -3.20
C ILE B 274 -8.57 22.71 -3.96
N THR B 275 -8.35 23.94 -3.49
CA THR B 275 -7.56 24.92 -4.23
C THR B 275 -6.10 24.79 -3.87
N ARG B 276 -5.25 25.49 -4.62
CA ARG B 276 -3.82 25.52 -4.35
C ARG B 276 -3.54 26.03 -2.95
N GLU B 277 -4.30 27.02 -2.49
CA GLU B 277 -4.09 27.62 -1.18
C GLU B 277 -4.40 26.65 -0.07
N MET B 278 -5.46 25.86 -0.29
CA MET B 278 -5.86 24.81 0.65
C MET B 278 -4.72 23.80 0.83
N VAL B 279 -4.22 23.26 -0.27
CA VAL B 279 -3.10 22.29 -0.22
C VAL B 279 -1.86 22.90 0.44
N ASP B 280 -1.58 24.17 0.12
CA ASP B 280 -0.46 24.92 0.70
C ASP B 280 -0.55 25.04 2.21
N SER B 281 -1.75 24.91 2.75
CA SER B 281 -1.95 25.01 4.18
C SER B 281 -1.76 23.71 4.91
N MET B 282 -1.65 22.59 4.18
CA MET B 282 -1.61 21.29 4.84
C MET B 282 -0.26 20.97 5.43
N LYS B 283 -0.27 20.13 6.47
CA LYS B 283 0.91 19.56 7.09
C LYS B 283 1.78 18.89 6.00
N ALA B 284 3.08 19.14 6.04
CA ALA B 284 3.99 18.51 5.12
C ALA B 284 3.90 16.99 5.25
N GLY B 285 4.06 16.32 4.12
CA GLY B 285 3.91 14.88 4.03
C GLY B 285 2.49 14.39 3.79
N SER B 286 1.53 15.32 3.69
CA SER B 286 0.14 14.95 3.52
C SER B 286 -0.05 14.41 2.12
N VAL B 287 -1.16 13.69 1.95
CA VAL B 287 -1.51 13.10 0.65
C VAL B 287 -2.92 13.41 0.21
N ILE B 288 -3.05 13.77 -1.07
CA ILE B 288 -4.34 13.95 -1.72
C ILE B 288 -4.44 12.91 -2.82
N VAL B 289 -5.52 12.15 -2.82
CA VAL B 289 -5.84 11.25 -3.94
C VAL B 289 -7.07 11.80 -4.66
N ASP B 290 -6.86 12.22 -5.89
CA ASP B 290 -7.88 12.92 -6.65
C ASP B 290 -8.50 11.97 -7.68
N LEU B 291 -9.67 11.42 -7.35
CA LEU B 291 -10.38 10.45 -8.19
C LEU B 291 -11.19 11.09 -9.29
N ALA B 292 -11.17 12.41 -9.37
CA ALA B 292 -11.79 13.12 -10.49
C ALA B 292 -10.76 13.55 -11.54
N ALA B 293 -9.56 13.01 -11.45
CA ALA B 293 -8.46 13.41 -12.32
C ALA B 293 -8.77 13.23 -13.81
N GLN B 294 -9.48 12.18 -14.17
CA GLN B 294 -9.79 11.92 -15.58
C GLN B 294 -10.62 13.06 -16.21
N ASN B 295 -11.42 13.78 -15.41
CA ASN B 295 -12.10 14.99 -15.91
C ASN B 295 -11.49 16.31 -15.42
N GLY B 296 -10.17 16.33 -15.23
CA GLY B 296 -9.47 17.53 -14.82
C GLY B 296 -9.12 17.62 -13.33
N GLY B 297 -9.85 16.88 -12.49
CA GLY B 297 -9.51 16.73 -11.08
C GLY B 297 -10.27 17.72 -10.23
N ASN B 298 -10.53 17.37 -8.96
CA ASN B 298 -11.06 18.30 -7.97
C ASN B 298 -9.99 19.18 -7.33
N CYS B 299 -8.72 18.77 -7.44
CA CYS B 299 -7.63 19.51 -6.85
C CYS B 299 -6.93 20.32 -7.96
N GLU B 300 -6.75 21.61 -7.73
CA GLU B 300 -6.05 22.51 -8.65
C GLU B 300 -4.61 22.14 -8.94
N TYR B 301 -3.96 21.43 -8.02
CA TYR B 301 -2.58 20.97 -8.23
C TYR B 301 -2.48 19.64 -8.98
N THR B 302 -3.59 18.99 -9.21
CA THR B 302 -3.57 17.69 -9.87
C THR B 302 -3.01 17.74 -11.32
N VAL B 303 -2.12 16.79 -11.60
CA VAL B 303 -1.61 16.53 -12.94
C VAL B 303 -2.06 15.11 -13.29
N PRO B 304 -3.10 14.99 -14.11
CA PRO B 304 -3.70 13.70 -14.45
C PRO B 304 -2.67 12.71 -14.96
N GLY B 305 -2.72 11.48 -14.46
CA GLY B 305 -1.74 10.44 -14.82
C GLY B 305 -0.48 10.40 -13.98
N GLU B 306 -0.27 11.38 -13.08
CA GLU B 306 0.93 11.53 -12.27
C GLU B 306 0.67 11.83 -10.79
N ILE B 307 1.71 11.66 -10.00
CA ILE B 307 1.83 12.29 -8.69
C ILE B 307 2.60 13.59 -8.85
N PHE B 308 2.06 14.66 -8.31
CA PHE B 308 2.71 15.96 -8.29
C PHE B 308 2.99 16.26 -6.83
N THR B 309 4.23 16.64 -6.53
CA THR B 309 4.60 16.98 -5.15
C THR B 309 4.73 18.48 -5.02
N THR B 310 3.95 19.07 -4.13
CA THR B 310 4.00 20.53 -3.95
C THR B 310 5.28 20.97 -3.26
N GLU B 311 5.51 22.28 -3.31
CA GLU B 311 6.66 22.88 -2.63
C GLU B 311 6.59 22.66 -1.12
N ASN B 312 5.39 22.69 -0.53
CA ASN B 312 5.26 22.40 0.91
C ASN B 312 5.24 20.90 1.26
N GLY B 313 5.43 20.02 0.28
CA GLY B 313 5.64 18.58 0.52
C GLY B 313 4.40 17.68 0.53
N VAL B 314 3.31 18.16 -0.06
CA VAL B 314 2.10 17.37 -0.18
C VAL B 314 2.11 16.57 -1.49
N LYS B 315 1.85 15.27 -1.41
CA LYS B 315 1.71 14.46 -2.63
C LYS B 315 0.29 14.47 -3.17
N VAL B 316 0.11 14.99 -4.38
CA VAL B 316 -1.17 15.01 -5.06
C VAL B 316 -1.22 13.90 -6.12
N ILE B 317 -1.93 12.83 -5.78
CA ILE B 317 -2.04 11.65 -6.65
C ILE B 317 -3.18 11.80 -7.65
N GLY B 318 -2.82 11.84 -8.93
CA GLY B 318 -3.78 12.09 -10.01
C GLY B 318 -3.93 10.95 -10.99
N TYR B 319 -3.62 9.71 -10.58
CA TYR B 319 -3.84 8.56 -11.46
C TYR B 319 -5.27 8.49 -12.01
N THR B 320 -5.40 8.13 -13.28
CA THR B 320 -6.70 8.00 -13.96
C THR B 320 -7.02 6.54 -14.20
N ASP B 321 -6.25 5.62 -13.62
CA ASP B 321 -6.39 4.20 -13.89
C ASP B 321 -6.34 3.39 -12.58
N LEU B 322 -7.03 3.89 -11.56
CA LEU B 322 -7.06 3.16 -10.29
C LEU B 322 -7.58 1.73 -10.46
N PRO B 323 -8.63 1.49 -11.24
CA PRO B 323 -9.04 0.09 -11.47
C PRO B 323 -7.97 -0.77 -12.18
N GLY B 324 -7.25 -0.20 -13.13
CA GLY B 324 -6.14 -0.90 -13.76
C GLY B 324 -4.96 -1.15 -12.85
N ARG B 325 -4.89 -0.45 -11.72
CA ARG B 325 -3.90 -0.69 -10.65
C ARG B 325 -4.37 -1.72 -9.62
N LEU B 326 -5.58 -2.22 -9.78
CA LEU B 326 -6.05 -3.41 -9.07
C LEU B 326 -6.68 -4.37 -10.09
N PRO B 327 -5.88 -4.85 -11.06
CA PRO B 327 -6.45 -5.44 -12.28
C PRO B 327 -7.18 -6.78 -12.09
N THR B 328 -6.75 -7.56 -11.10
CA THR B 328 -7.30 -8.86 -10.87
C THR B 328 -8.72 -8.68 -10.31
N GLN B 329 -8.83 -7.80 -9.34
CA GLN B 329 -10.14 -7.49 -8.74
C GLN B 329 -11.06 -6.81 -9.72
N SER B 330 -10.53 -5.86 -10.47
CA SER B 330 -11.31 -5.13 -11.45
C SER B 330 -11.87 -6.05 -12.53
N SER B 331 -11.05 -6.98 -13.00
CA SER B 331 -11.43 -7.95 -14.00
C SER B 331 -12.53 -8.88 -13.48
N GLN B 332 -12.40 -9.29 -12.23
CA GLN B 332 -13.34 -10.22 -11.59
C GLN B 332 -14.70 -9.59 -11.43
N LEU B 333 -14.76 -8.38 -10.90
CA LEU B 333 -16.03 -7.70 -10.68
C LEU B 333 -16.66 -7.29 -12.01
N TYR B 334 -15.88 -6.67 -12.90
CA TYR B 334 -16.41 -6.33 -14.20
C TYR B 334 -16.89 -7.55 -14.96
N GLY B 335 -16.12 -8.63 -14.93
CA GLY B 335 -16.46 -9.87 -15.60
C GLY B 335 -17.76 -10.45 -15.05
N THR B 336 -17.96 -10.28 -13.74
CA THR B 336 -19.22 -10.69 -13.12
C THR B 336 -20.39 -9.82 -13.55
N ASN B 337 -20.20 -8.51 -13.61
CA ASN B 337 -21.18 -7.62 -14.21
C ASN B 337 -21.65 -8.17 -15.58
N LEU B 338 -20.69 -8.59 -16.42
CA LEU B 338 -21.03 -9.15 -17.74
C LEU B 338 -21.79 -10.47 -17.67
N VAL B 339 -21.38 -11.39 -16.77
CA VAL B 339 -22.16 -12.59 -16.50
C VAL B 339 -23.61 -12.23 -16.16
N ASN B 340 -23.80 -11.25 -15.29
CA ASN B 340 -25.15 -10.93 -14.80
C ASN B 340 -26.03 -10.32 -15.89
N LEU B 341 -25.42 -9.61 -16.83
CA LEU B 341 -26.12 -9.14 -18.00
C LEU B 341 -26.51 -10.32 -18.90
N LEU B 342 -25.60 -11.27 -19.07
CA LEU B 342 -25.91 -12.42 -19.89
C LEU B 342 -26.95 -13.32 -19.22
N LYS B 343 -27.02 -13.30 -17.89
CA LYS B 343 -28.09 -14.04 -17.20
C LYS B 343 -29.45 -13.50 -17.58
N LEU B 344 -29.55 -12.18 -17.75
CA LEU B 344 -30.77 -11.54 -18.23
C LEU B 344 -31.06 -11.88 -19.68
N LEU B 345 -30.02 -11.91 -20.50
CA LEU B 345 -30.15 -12.10 -21.93
C LEU B 345 -30.38 -13.58 -22.30
N CYS B 346 -30.03 -14.49 -21.40
CA CYS B 346 -30.03 -15.94 -21.68
C CYS B 346 -30.76 -16.67 -20.55
N LYS B 347 -32.05 -16.39 -20.45
CA LYS B 347 -32.90 -16.98 -19.42
C LYS B 347 -32.98 -18.52 -19.42
N GLU B 348 -32.83 -19.16 -20.57
CA GLU B 348 -32.93 -20.63 -20.65
C GLU B 348 -31.60 -21.38 -20.45
N LYS B 349 -30.49 -20.65 -20.42
CA LYS B 349 -29.16 -21.22 -20.18
C LYS B 349 -28.73 -22.11 -21.35
N ASP B 350 -29.10 -21.69 -22.54
CA ASP B 350 -28.91 -22.48 -23.77
C ASP B 350 -27.92 -21.84 -24.74
N GLY B 351 -27.19 -20.82 -24.28
CA GLY B 351 -26.20 -20.18 -25.13
C GLY B 351 -26.76 -19.23 -26.16
N ASN B 352 -28.01 -18.82 -25.98
CA ASN B 352 -28.70 -17.94 -26.90
C ASN B 352 -29.11 -16.62 -26.24
N ILE B 353 -28.83 -15.54 -26.96
CA ILE B 353 -29.10 -14.17 -26.54
C ILE B 353 -30.46 -13.76 -27.05
N THR B 354 -31.29 -13.21 -26.17
CA THR B 354 -32.59 -12.66 -26.52
C THR B 354 -32.71 -11.29 -25.90
N VAL B 355 -32.91 -10.27 -26.73
CA VAL B 355 -32.95 -8.89 -26.30
C VAL B 355 -34.41 -8.46 -26.05
N ASP B 356 -34.75 -8.14 -24.82
CA ASP B 356 -36.13 -7.81 -24.48
C ASP B 356 -36.21 -6.36 -24.03
N PHE B 357 -36.67 -5.52 -24.95
CA PHE B 357 -36.79 -4.10 -24.75
C PHE B 357 -37.95 -3.67 -23.81
N ASP B 358 -38.81 -4.59 -23.39
CA ASP B 358 -39.77 -4.31 -22.29
C ASP B 358 -39.10 -4.14 -20.93
N ASP B 359 -37.95 -4.79 -20.74
CA ASP B 359 -37.14 -4.64 -19.54
C ASP B 359 -36.29 -3.36 -19.70
N VAL B 360 -36.58 -2.31 -18.92
CA VAL B 360 -35.89 -1.03 -19.07
C VAL B 360 -34.37 -1.16 -18.93
N VAL B 361 -33.90 -2.15 -18.18
CA VAL B 361 -32.46 -2.39 -17.99
C VAL B 361 -31.77 -2.76 -19.31
N ILE B 362 -32.37 -3.69 -20.05
CA ILE B 362 -31.87 -4.09 -21.37
C ILE B 362 -32.04 -2.97 -22.37
N ARG B 363 -33.19 -2.26 -22.33
CA ARG B 363 -33.38 -1.12 -23.23
C ARG B 363 -32.31 -0.03 -23.03
N GLY B 364 -31.92 0.21 -21.78
CA GLY B 364 -30.88 1.20 -21.50
C GLY B 364 -29.50 0.78 -22.00
N VAL B 365 -29.11 -0.45 -21.73
CA VAL B 365 -27.79 -0.96 -22.05
C VAL B 365 -27.59 -1.22 -23.54
N THR B 366 -28.69 -1.52 -24.25
CA THR B 366 -28.63 -1.81 -25.66
C THR B 366 -28.59 -0.50 -26.44
N VAL B 367 -27.41 -0.18 -26.98
CA VAL B 367 -27.18 1.06 -27.70
C VAL B 367 -27.16 0.88 -29.22
N ILE B 368 -26.95 -0.34 -29.69
CA ILE B 368 -27.18 -0.70 -31.07
C ILE B 368 -27.82 -2.05 -31.09
N ARG B 369 -28.84 -2.20 -31.92
CA ARG B 369 -29.51 -3.49 -32.07
C ARG B 369 -29.50 -3.89 -33.55
N ALA B 370 -28.73 -4.92 -33.86
CA ALA B 370 -28.61 -5.48 -35.21
C ALA B 370 -28.49 -4.40 -36.27
N GLY B 371 -27.54 -3.47 -36.06
CA GLY B 371 -27.23 -2.45 -37.04
C GLY B 371 -27.94 -1.12 -36.84
N GLU B 372 -29.01 -1.10 -36.03
CA GLU B 372 -29.76 0.13 -35.77
C GLU B 372 -29.35 0.74 -34.44
N ILE B 373 -29.00 2.02 -34.43
CA ILE B 373 -28.71 2.73 -33.20
C ILE B 373 -29.97 2.89 -32.38
N THR B 374 -29.92 2.42 -31.13
CA THR B 374 -31.04 2.51 -30.22
C THR B 374 -30.78 3.43 -29.03
N TRP B 375 -29.65 4.11 -29.03
CA TRP B 375 -29.31 5.05 -27.97
C TRP B 375 -29.70 6.43 -28.50
N PRO B 376 -30.20 7.35 -27.68
CA PRO B 376 -30.45 7.15 -26.25
C PRO B 376 -31.77 6.44 -26.00
N ALA B 377 -31.84 5.77 -24.87
CA ALA B 377 -33.08 5.14 -24.45
C ALA B 377 -34.06 6.23 -24.01
N PRO B 378 -35.36 5.97 -24.18
CA PRO B 378 -36.39 6.89 -23.68
C PRO B 378 -36.14 7.28 -22.23
N PRO B 379 -36.45 8.52 -21.86
CA PRO B 379 -36.26 9.00 -20.48
C PRO B 379 -36.80 8.03 -19.43
N ILE B 380 -36.13 7.97 -18.29
CA ILE B 380 -36.47 7.05 -17.21
C ILE B 380 -36.23 7.76 -15.87
N GLN B 381 -36.91 7.31 -14.82
CA GLN B 381 -36.78 7.88 -13.47
C GLN B 381 -35.94 6.89 -12.64
N VAL B 382 -35.08 7.40 -11.74
CA VAL B 382 -33.85 6.68 -11.35
C VAL B 382 -33.43 6.77 -9.83
N SER B 383 -32.27 7.34 -9.51
CA SER B 383 -31.64 7.25 -8.16
C SER B 383 -30.26 7.95 -7.99
N ALA B 384 -30.02 8.41 -6.75
CA ALA B 384 -28.92 9.32 -6.40
C ALA B 384 -29.17 10.70 -6.98
#